data_8PM6
#
_entry.id   8PM6
#
_cell.length_a   1.00
_cell.length_b   1.00
_cell.length_c   1.00
_cell.angle_alpha   90.00
_cell.angle_beta   90.00
_cell.angle_gamma   90.00
#
_symmetry.space_group_name_H-M   'P 1'
#
loop_
_entity.id
_entity.type
_entity.pdbx_description
1 polymer 'Bile salt export pump'
2 non-polymer CHOLESTEROL
3 non-polymer 5-chloro-N-(2-{4-[(cyclohexylcarbamoyl)sulfamoyl]phenyl}ethyl)-2-methoxybenzamide
#
_entity_poly.entity_id   1
_entity_poly.type   'polypeptide(L)'
_entity_poly.pdbx_seq_one_letter_code
;MSDSVILRSIKKFGEENDGFESDKSYNNDKKSRLQDEKKGDGVRVGFFQLFRFSSSTDIWLMFVGSLCAFLHGIAQPGVL
LIFGTMTDVFIDYDVELQELQIPGKACVNNTIVWTNSSLNQNMTNGTRCGLLNIESEMIKFASYYAGIAVAVLITGYIQI
CFWVIAAARQIQKMRKFYFRRIMRMEIGWFDCNSVGELNTRFSDDINKINDAIADQMALFIQRMTSTICGFLLGFFRGWK
LTLVIISVSPLIGIGAATIGLSVSKFTDYELKAYAKAGVVADEVISSMRTVAAFGGEKREVERYEKNLVFAQRWGIRKGI
VMGFFTGFVWCLIFLCYALAFWYGSTLVLDEGEYTPGTLVQIFLSVIVGALNLGNASPCLEAFATGRAAATSIFETIDRK
PIIDCMSEDGYKLDRIKGEIEFHNVTFHYPSRPEVKILNDLNMVIKPGEMTALVGPSGAGKSTALQLIQRFYDPCEGMVT
VDGHDIRSLNIQWLRDQIGIVEQEPVLFSTTIAENIRYGREDATMEDIVQAAKEANAYNFIMDLPQQFDTLVGEGGGQMS
GGQKQRVAIARALIRNPKILLLDMATSALDNESEAMVQEVLSKIQHGHTIISVAHRLSTVRAADTIIGFEHGTAVERGTH
EELLERKGVYFTLVTLQSQGNQALNEEDIKDATEDDMLARTFSRGSYQDSLRASIRQRSKSQLSYLVHEPPLAVVDHKST
YEEDRKDKDIPVQEEVEPAPVRRILKFSAPEWPYMLVGSVGAAVNGTVTPLYAFLFSQILGTFSIPDKEEQRSQINGVCL
LFVAMGCVSLFTQFLQGYAFAKSGELLTKRLRKFGFRAMLGQDIAWFDDLRNSPGALTTRLATDASQVQGAAGSQIGMIV
NSFTNVTVAMIIAFSFSWKLSLVILCFFPFLALSGATQTRMLTGFASRDKQALEMVGQITNEALSNIRTVAGIGKERRFI
EALETELEKPFKTAIQKANIYGFCFAFAQCIMFIANSASYRYGGYLISNEGLHFSYVFRVISAVVLSATALGRAFSYTPS
YAKAKISAARFFQLLDRQPPISVYNTAGEKWDNFQGKIDFVDCKFTYPSRPDSQVLNGLSVSISPGQTLAFVGSSGCGKS
TSIQLLERFYDPDQGKVMIDGHDSKKVNVQFLRSNIGIVSQEPVLFACSIMDNIKYGDNTKEIPMERVIAAAKQAQLHDF
VMSLPEKYETNVGSQGSQLSRGEKQRIAIARAIVRDPKILLLDEATSALDTESEKTVQVALDKAREGRTCIVIAHRLSTI
QNADIIAVMAQGVVIEKGTHEELMAQKGAYYKLVTTGSPIS
;
_entity_poly.pdbx_strand_id   A
#
# COMPACT_ATOMS: atom_id res chain seq x y z
N VAL A 45 30.58 -2.16 -2.07
CA VAL A 45 32.01 -2.25 -1.80
C VAL A 45 32.27 -2.27 -0.29
N GLY A 46 31.61 -1.38 0.44
CA GLY A 46 31.77 -1.31 1.88
C GLY A 46 31.23 -0.01 2.44
N PHE A 47 30.57 -0.08 3.60
CA PHE A 47 30.02 1.14 4.18
C PHE A 47 31.07 1.98 4.88
N PHE A 48 32.30 1.48 5.01
CA PHE A 48 33.40 2.32 5.48
C PHE A 48 33.97 3.22 4.39
N GLN A 49 33.70 2.91 3.12
CA GLN A 49 34.18 3.77 2.04
C GLN A 49 33.31 5.00 1.84
N LEU A 50 32.13 5.03 2.48
CA LEU A 50 31.25 6.19 2.33
C LEU A 50 31.89 7.44 2.93
N PHE A 51 32.54 7.30 4.09
CA PHE A 51 33.20 8.41 4.77
C PHE A 51 34.60 8.57 4.20
N ARG A 52 34.69 9.33 3.11
CA ARG A 52 35.97 9.58 2.45
C ARG A 52 36.76 10.71 3.08
N PHE A 53 36.48 11.06 4.34
CA PHE A 53 37.07 12.26 4.94
C PHE A 53 38.29 11.90 5.77
N SER A 54 39.39 12.60 5.50
CA SER A 54 40.51 12.69 6.44
C SER A 54 40.44 13.95 7.28
N SER A 55 39.37 14.74 7.13
CA SER A 55 39.22 15.98 7.88
C SER A 55 39.03 15.69 9.36
N SER A 56 39.81 16.37 10.20
CA SER A 56 39.80 16.08 11.63
C SER A 56 38.46 16.43 12.28
N THR A 57 37.85 17.55 11.86
CA THR A 57 36.66 18.03 12.54
C THR A 57 35.52 17.03 12.44
N ASP A 58 35.25 16.54 11.23
CA ASP A 58 34.16 15.58 11.04
C ASP A 58 34.44 14.29 11.80
N ILE A 59 35.69 13.82 11.77
CA ILE A 59 36.03 12.57 12.45
C ILE A 59 35.81 12.71 13.95
N TRP A 60 36.25 13.82 14.55
CA TRP A 60 36.05 14.01 15.98
C TRP A 60 34.56 14.18 16.30
N LEU A 61 33.82 14.87 15.43
CA LEU A 61 32.38 15.04 15.66
C LEU A 61 31.67 13.69 15.67
N MET A 62 32.04 12.80 14.75
CA MET A 62 31.47 11.46 14.74
C MET A 62 31.95 10.64 15.93
N PHE A 63 33.21 10.82 16.33
CA PHE A 63 33.81 10.03 17.40
C PHE A 63 33.15 10.31 18.73
N VAL A 64 32.91 11.58 19.05
CA VAL A 64 32.27 11.93 20.31
C VAL A 64 30.86 11.34 20.37
N GLY A 65 30.12 11.48 19.27
CA GLY A 65 28.78 10.92 19.23
C GLY A 65 28.75 9.42 19.35
N SER A 66 29.72 8.74 18.71
CA SER A 66 29.80 7.29 18.84
C SER A 66 30.11 6.87 20.27
N LEU A 67 31.01 7.60 20.93
CA LEU A 67 31.30 7.31 22.32
C LEU A 67 30.06 7.48 23.20
N CYS A 68 29.30 8.55 22.96
CA CYS A 68 28.09 8.76 23.76
C CYS A 68 27.03 7.70 23.47
N ALA A 69 26.93 7.25 22.21
CA ALA A 69 26.02 6.15 21.90
C ALA A 69 26.45 4.87 22.61
N PHE A 70 27.75 4.59 22.63
CA PHE A 70 28.27 3.44 23.37
C PHE A 70 27.91 3.54 24.85
N LEU A 71 28.08 4.73 25.43
CA LEU A 71 27.76 4.90 26.85
C LEU A 71 26.28 4.72 27.12
N HIS A 72 25.43 5.24 26.23
CA HIS A 72 23.99 5.05 26.38
C HIS A 72 23.63 3.58 26.29
N GLY A 73 24.25 2.85 25.36
CA GLY A 73 24.04 1.41 25.30
C GLY A 73 24.50 0.71 26.57
N ILE A 74 25.58 1.19 27.16
CA ILE A 74 26.03 0.67 28.45
C ILE A 74 24.96 0.90 29.52
N ALA A 75 24.26 2.03 29.44
CA ALA A 75 23.38 2.45 30.53
C ALA A 75 22.32 1.40 30.87
N GLN A 76 21.66 0.83 29.86
CA GLN A 76 20.54 -0.06 30.13
C GLN A 76 20.92 -1.33 30.88
N PRO A 77 21.96 -2.07 30.49
CA PRO A 77 22.38 -3.20 31.35
C PRO A 77 22.80 -2.77 32.74
N GLY A 78 23.42 -1.61 32.88
CA GLY A 78 23.78 -1.12 34.21
C GLY A 78 22.57 -0.80 35.05
N VAL A 79 21.57 -0.13 34.46
CA VAL A 79 20.37 0.17 35.22
C VAL A 79 19.63 -1.12 35.56
N LEU A 80 19.77 -2.15 34.71
CA LEU A 80 19.20 -3.45 35.07
C LEU A 80 19.94 -4.11 36.22
N LEU A 81 21.27 -3.92 36.30
CA LEU A 81 22.01 -4.40 37.46
C LEU A 81 21.52 -3.70 38.74
N ILE A 82 21.33 -2.39 38.66
CA ILE A 82 20.78 -1.66 39.81
C ILE A 82 19.38 -2.16 40.13
N PHE A 83 18.59 -2.51 39.10
CA PHE A 83 17.26 -3.06 39.31
C PHE A 83 17.31 -4.39 40.05
N GLY A 84 18.26 -5.24 39.67
CA GLY A 84 18.42 -6.51 40.38
C GLY A 84 18.81 -6.30 41.83
N THR A 85 19.69 -5.33 42.09
CA THR A 85 20.02 -5.00 43.48
C THR A 85 18.80 -4.52 44.24
N MET A 86 17.94 -3.81 43.54
CA MET A 86 16.80 -3.30 44.32
C MET A 86 15.97 -4.52 44.64
N THR A 87 15.70 -5.33 43.62
CA THR A 87 14.86 -6.50 43.85
C THR A 87 15.36 -7.32 45.02
N ASP A 88 16.67 -7.51 45.11
CA ASP A 88 17.24 -8.23 46.24
C ASP A 88 16.94 -7.53 47.56
N VAL A 89 17.09 -6.20 47.58
CA VAL A 89 16.81 -5.44 48.80
C VAL A 89 15.34 -5.58 49.19
N PHE A 90 14.44 -5.46 48.20
CA PHE A 90 13.01 -5.58 48.47
C PHE A 90 12.66 -6.96 49.03
N ILE A 91 13.22 -8.01 48.43
CA ILE A 91 12.90 -9.37 48.85
C ILE A 91 13.42 -9.61 50.26
N ASP A 92 14.64 -9.14 50.55
CA ASP A 92 15.17 -9.29 51.89
C ASP A 92 14.31 -8.57 52.91
N TYR A 93 13.89 -7.34 52.59
CA TYR A 93 13.05 -6.59 53.51
C TYR A 93 11.70 -7.27 53.72
N ASP A 94 11.11 -7.80 52.65
CA ASP A 94 9.82 -8.48 52.79
C ASP A 94 9.97 -9.74 53.64
N VAL A 95 11.06 -10.48 53.44
CA VAL A 95 11.29 -11.68 54.25
C VAL A 95 11.42 -11.32 55.72
N GLU A 96 12.20 -10.29 56.03
CA GLU A 96 12.36 -9.90 57.43
C GLU A 96 11.05 -9.37 58.00
N LEU A 97 10.24 -8.70 57.17
CA LEU A 97 8.95 -8.22 57.63
C LEU A 97 8.02 -9.37 57.98
N GLN A 98 7.98 -10.41 57.13
CA GLN A 98 7.16 -11.57 57.45
C GLN A 98 7.68 -12.29 58.69
N GLU A 99 9.00 -12.34 58.85
CA GLU A 99 9.57 -12.99 60.03
C GLU A 99 9.20 -12.23 61.30
N LEU A 100 9.18 -10.90 61.24
CA LEU A 100 8.96 -10.09 62.43
C LEU A 100 7.52 -10.12 62.93
N GLN A 101 6.58 -10.68 62.16
CA GLN A 101 5.18 -10.66 62.55
C GLN A 101 4.57 -12.04 62.77
N ILE A 102 5.39 -13.07 62.98
CA ILE A 102 4.85 -14.38 63.30
C ILE A 102 4.94 -14.63 64.80
N CYS A 129 18.46 -8.80 62.27
CA CYS A 129 18.93 -7.76 61.35
C CYS A 129 18.22 -6.45 61.62
N GLY A 130 17.46 -5.95 60.64
CA GLY A 130 16.67 -4.76 60.80
C GLY A 130 17.39 -3.46 60.53
N LEU A 131 18.69 -3.50 60.26
CA LEU A 131 19.46 -2.30 59.95
C LEU A 131 19.49 -2.04 58.44
N LEU A 132 18.30 -2.00 57.82
CA LEU A 132 18.19 -1.79 56.39
C LEU A 132 17.68 -0.39 56.04
N ASN A 133 16.64 0.08 56.73
CA ASN A 133 16.07 1.41 56.51
C ASN A 133 15.70 1.62 55.04
N ILE A 134 14.68 0.85 54.63
CA ILE A 134 14.24 0.80 53.24
C ILE A 134 14.11 2.19 52.63
N GLU A 135 13.81 3.21 53.45
CA GLU A 135 13.73 4.57 52.93
C GLU A 135 15.08 5.05 52.41
N SER A 136 16.15 4.83 53.17
CA SER A 136 17.47 5.28 52.73
C SER A 136 17.94 4.54 51.49
N GLU A 137 17.76 3.21 51.46
CA GLU A 137 18.11 2.44 50.27
C GLU A 137 17.28 2.90 49.08
N MET A 138 16.03 3.27 49.31
CA MET A 138 15.18 3.61 48.14
C MET A 138 15.50 5.02 47.66
N ILE A 139 15.90 5.94 48.53
CA ILE A 139 16.34 7.24 48.02
C ILE A 139 17.68 7.10 47.31
N LYS A 140 18.55 6.19 47.78
CA LYS A 140 19.82 5.96 47.10
C LYS A 140 19.60 5.39 45.70
N PHE A 141 18.71 4.39 45.58
CA PHE A 141 18.41 3.83 44.28
C PHE A 141 17.74 4.85 43.36
N ALA A 142 16.83 5.65 43.91
CA ALA A 142 16.17 6.68 43.10
C ALA A 142 17.16 7.72 42.61
N SER A 143 18.11 8.12 43.46
CA SER A 143 19.13 9.07 43.04
C SER A 143 20.02 8.47 41.96
N TYR A 144 20.38 7.18 42.09
CA TYR A 144 21.14 6.53 41.03
C TYR A 144 20.36 6.52 39.73
N TYR A 145 19.06 6.27 39.81
CA TYR A 145 18.23 6.26 38.62
C TYR A 145 18.15 7.64 37.98
N ALA A 146 18.03 8.69 38.80
CA ALA A 146 17.99 10.04 38.26
C ALA A 146 19.32 10.40 37.60
N GLY A 147 20.44 10.00 38.20
CA GLY A 147 21.73 10.23 37.58
C GLY A 147 21.86 9.51 36.26
N ILE A 148 21.42 8.25 36.20
CA ILE A 148 21.43 7.53 34.94
C ILE A 148 20.51 8.19 33.92
N ALA A 149 19.39 8.76 34.39
CA ALA A 149 18.47 9.45 33.49
C ALA A 149 19.13 10.65 32.84
N VAL A 150 19.80 11.48 33.64
CA VAL A 150 20.46 12.66 33.06
C VAL A 150 21.62 12.23 32.18
N ALA A 151 22.31 11.13 32.54
CA ALA A 151 23.38 10.63 31.69
C ALA A 151 22.83 10.17 30.34
N VAL A 152 21.69 9.48 30.35
CA VAL A 152 21.07 9.06 29.10
C VAL A 152 20.65 10.26 28.28
N LEU A 153 20.07 11.27 28.94
CA LEU A 153 19.66 12.48 28.22
C LEU A 153 20.86 13.12 27.52
N ILE A 154 21.94 13.36 28.27
CA ILE A 154 23.12 14.01 27.71
C ILE A 154 23.70 13.17 26.59
N THR A 155 23.86 11.86 26.84
CA THR A 155 24.50 11.00 25.84
C THR A 155 23.68 10.92 24.58
N GLY A 156 22.37 10.72 24.69
CA GLY A 156 21.53 10.62 23.50
C GLY A 156 21.46 11.92 22.73
N TYR A 157 21.37 13.05 23.45
CA TYR A 157 21.49 14.34 22.79
C TYR A 157 22.77 14.41 21.97
N ILE A 158 23.89 13.99 22.57
CA ILE A 158 25.16 14.06 21.85
C ILE A 158 25.14 13.15 20.63
N GLN A 159 24.68 11.90 20.79
CA GLN A 159 24.63 11.00 19.65
C GLN A 159 23.86 11.63 18.50
N ILE A 160 22.60 11.94 18.75
CA ILE A 160 21.78 12.43 17.61
C ILE A 160 22.39 13.73 17.08
N CYS A 161 22.56 14.72 17.93
CA CYS A 161 23.00 16.02 17.44
C CYS A 161 24.29 15.89 16.62
N PHE A 162 25.32 15.26 17.19
CA PHE A 162 26.60 15.17 16.50
C PHE A 162 26.50 14.31 15.25
N TRP A 163 25.79 13.19 15.33
CA TRP A 163 25.72 12.28 14.19
C TRP A 163 24.98 12.92 13.02
N VAL A 164 23.80 13.49 13.27
CA VAL A 164 23.06 14.11 12.18
C VAL A 164 23.77 15.36 11.67
N ILE A 165 24.40 16.13 12.54
CA ILE A 165 25.11 17.33 12.08
C ILE A 165 26.27 16.94 11.17
N ALA A 166 27.08 15.96 11.61
CA ALA A 166 28.19 15.51 10.80
C ALA A 166 27.71 14.88 9.50
N ALA A 167 26.62 14.11 9.57
CA ALA A 167 26.08 13.48 8.37
C ALA A 167 25.59 14.51 7.37
N ALA A 168 24.89 15.54 7.85
CA ALA A 168 24.44 16.61 6.98
C ALA A 168 25.63 17.32 6.35
N ARG A 169 26.67 17.57 7.15
CA ARG A 169 27.86 18.22 6.60
C ARG A 169 28.49 17.40 5.49
N GLN A 170 28.70 16.11 5.74
CA GLN A 170 29.36 15.29 4.72
C GLN A 170 28.48 15.09 3.50
N ILE A 171 27.16 14.97 3.70
CA ILE A 171 26.29 14.72 2.56
C ILE A 171 26.18 15.98 1.70
N GLN A 172 26.13 17.17 2.33
CA GLN A 172 26.10 18.39 1.53
C GLN A 172 27.44 18.62 0.85
N LYS A 173 28.55 18.23 1.50
CA LYS A 173 29.85 18.31 0.84
C LYS A 173 29.90 17.38 -0.37
N MET A 174 29.35 16.17 -0.24
CA MET A 174 29.30 15.25 -1.37
C MET A 174 28.43 15.79 -2.50
N ARG A 175 27.28 16.38 -2.17
CA ARG A 175 26.45 16.98 -3.20
C ARG A 175 27.17 18.13 -3.89
N LYS A 176 27.87 18.96 -3.12
CA LYS A 176 28.63 20.07 -3.71
C LYS A 176 29.73 19.55 -4.61
N PHE A 177 30.46 18.52 -4.17
CA PHE A 177 31.51 17.94 -5.00
C PHE A 177 30.93 17.33 -6.28
N TYR A 178 29.79 16.64 -6.16
CA TYR A 178 29.16 16.05 -7.34
C TYR A 178 28.74 17.13 -8.33
N PHE A 179 28.16 18.22 -7.83
CA PHE A 179 27.70 19.28 -8.73
C PHE A 179 28.87 20.03 -9.35
N ARG A 180 29.97 20.16 -8.62
CA ARG A 180 31.15 20.82 -9.18
C ARG A 180 31.89 19.91 -10.14
N ARG A 181 31.71 18.60 -10.01
CA ARG A 181 32.40 17.66 -10.89
C ARG A 181 31.61 17.33 -12.15
N ILE A 182 30.28 17.35 -12.07
CA ILE A 182 29.49 16.98 -13.25
C ILE A 182 29.65 18.02 -14.36
N MET A 183 29.63 19.30 -14.01
CA MET A 183 29.66 20.38 -15.05
C MET A 183 31.02 20.62 -15.71
N ARG A 184 32.06 19.84 -15.38
CA ARG A 184 33.40 20.13 -15.89
C ARG A 184 33.92 18.83 -16.51
N MET A 185 33.62 18.63 -17.79
CA MET A 185 33.97 17.40 -18.50
C MET A 185 33.51 17.46 -19.95
N GLU A 186 33.78 16.40 -20.72
CA GLU A 186 33.48 16.37 -22.14
C GLU A 186 31.98 16.42 -22.39
N ILE A 187 31.59 16.96 -23.54
CA ILE A 187 30.18 17.14 -23.86
C ILE A 187 29.52 15.86 -24.36
N LEU A 198 17.00 10.33 -14.18
CA LEU A 198 17.50 9.73 -12.91
C LEU A 198 18.05 10.82 -11.98
N ASN A 199 18.00 12.10 -12.36
CA ASN A 199 18.62 13.17 -11.53
C ASN A 199 17.89 13.31 -10.19
N THR A 200 16.56 13.24 -10.19
CA THR A 200 15.85 13.46 -8.92
C THR A 200 15.84 12.11 -8.19
N ARG A 201 16.05 11.01 -8.89
CA ARG A 201 16.20 9.76 -8.10
C ARG A 201 17.51 9.97 -7.34
N PHE A 202 18.52 10.49 -8.05
CA PHE A 202 19.78 10.83 -7.35
C PHE A 202 19.39 11.64 -6.12
N SER A 203 18.67 12.76 -6.28
CA SER A 203 18.40 13.51 -5.04
C SER A 203 17.93 12.47 -4.02
N ASP A 204 16.97 11.60 -4.36
CA ASP A 204 16.47 10.68 -3.29
C ASP A 204 17.53 9.66 -2.85
N ASP A 205 18.50 9.29 -3.72
CA ASP A 205 19.62 8.37 -3.36
C ASP A 205 20.58 9.05 -2.39
N ILE A 206 20.91 10.32 -2.62
CA ILE A 206 21.75 11.04 -1.62
C ILE A 206 20.90 11.10 -0.35
N ASN A 207 19.60 11.22 -0.54
CA ASN A 207 18.75 11.35 0.65
C ASN A 207 18.98 10.08 1.45
N LYS A 208 18.91 8.93 0.79
CA LYS A 208 19.00 7.65 1.53
C LYS A 208 20.43 7.44 2.05
N ILE A 209 21.48 7.89 1.38
CA ILE A 209 22.83 7.68 1.98
C ILE A 209 22.96 8.52 3.25
N ASN A 210 22.42 9.74 3.24
CA ASN A 210 22.46 10.57 4.47
C ASN A 210 21.59 9.90 5.54
N ASP A 211 20.55 9.19 5.11
CA ASP A 211 19.67 8.51 6.07
C ASP A 211 20.40 7.31 6.67
N ALA A 212 21.18 6.62 5.87
CA ALA A 212 22.01 5.49 6.35
C ALA A 212 23.06 6.01 7.32
N ILE A 213 23.45 7.26 7.17
CA ILE A 213 24.56 7.70 8.04
C ILE A 213 24.13 8.64 9.18
N ALA A 214 22.94 9.24 9.18
CA ALA A 214 22.76 10.20 10.26
C ALA A 214 22.38 9.57 11.58
N ASP A 215 21.19 8.96 11.65
CA ASP A 215 20.68 8.43 12.90
C ASP A 215 20.65 6.91 12.94
N GLN A 216 20.63 6.24 11.79
CA GLN A 216 20.62 4.78 11.79
C GLN A 216 21.89 4.22 12.41
N MET A 217 23.06 4.84 12.15
CA MET A 217 24.37 4.33 12.66
C MET A 217 24.60 4.69 14.12
N ALA A 218 23.93 5.69 14.67
CA ALA A 218 24.00 5.95 16.10
C ALA A 218 23.12 4.97 16.87
N LEU A 219 21.87 4.80 16.45
CA LEU A 219 20.98 3.86 17.10
C LEU A 219 21.49 2.43 16.96
N PHE A 220 22.08 2.10 15.80
CA PHE A 220 22.63 0.77 15.62
C PHE A 220 23.76 0.49 16.59
N ILE A 221 24.67 1.46 16.76
CA ILE A 221 25.76 1.30 17.71
C ILE A 221 25.23 1.17 19.13
N GLN A 222 24.26 2.01 19.49
CA GLN A 222 23.70 1.95 20.83
C GLN A 222 23.03 0.60 21.10
N ARG A 223 22.29 0.10 20.13
CA ARG A 223 21.59 -1.17 20.31
C ARG A 223 22.56 -2.35 20.34
N MET A 224 23.60 -2.30 19.50
CA MET A 224 24.62 -3.34 19.56
C MET A 224 25.32 -3.35 20.92
N THR A 225 25.65 -2.18 21.43
CA THR A 225 26.24 -2.11 22.77
C THR A 225 25.27 -2.66 23.81
N SER A 226 24.00 -2.29 23.71
CA SER A 226 23.02 -2.76 24.68
C SER A 226 22.94 -4.28 24.69
N THR A 227 22.82 -4.89 23.51
CA THR A 227 22.66 -6.34 23.47
C THR A 227 23.94 -7.07 23.88
N ILE A 228 25.10 -6.56 23.44
CA ILE A 228 26.36 -7.22 23.78
C ILE A 228 26.60 -7.15 25.28
N CYS A 229 26.40 -5.99 25.89
CA CYS A 229 26.59 -5.87 27.32
C CYS A 229 25.53 -6.64 28.09
N GLY A 230 24.30 -6.70 27.58
CA GLY A 230 23.29 -7.51 28.24
C GLY A 230 23.68 -8.97 28.30
N PHE A 231 24.10 -9.52 27.16
CA PHE A 231 24.55 -10.91 27.15
C PHE A 231 25.78 -11.09 28.05
N LEU A 232 26.69 -10.12 28.04
CA LEU A 232 27.93 -10.25 28.81
C LEU A 232 27.64 -10.31 30.30
N LEU A 233 26.86 -9.36 30.83
CA LEU A 233 26.56 -9.42 32.26
C LEU A 233 25.58 -10.53 32.61
N GLY A 234 24.76 -10.97 31.66
CA GLY A 234 23.98 -12.18 31.90
C GLY A 234 24.87 -13.39 32.12
N PHE A 235 25.90 -13.54 31.29
CA PHE A 235 26.87 -14.61 31.53
C PHE A 235 27.61 -14.40 32.83
N PHE A 236 27.99 -13.16 33.13
CA PHE A 236 28.84 -12.88 34.28
C PHE A 236 28.12 -13.19 35.60
N ARG A 237 26.90 -12.67 35.76
CA ARG A 237 26.20 -12.88 37.02
C ARG A 237 25.84 -14.34 37.24
N GLY A 238 25.37 -15.01 36.19
CA GLY A 238 25.15 -16.45 36.25
C GLY A 238 25.12 -17.06 34.87
N TRP A 239 25.93 -18.08 34.64
CA TRP A 239 26.21 -18.56 33.29
C TRP A 239 25.33 -19.73 32.85
N LYS A 240 24.38 -20.14 33.67
CA LYS A 240 23.51 -21.26 33.32
C LYS A 240 22.13 -20.82 32.83
N LEU A 241 21.50 -19.88 33.53
CA LEU A 241 20.20 -19.39 33.10
C LEU A 241 20.30 -18.72 31.74
N THR A 242 21.30 -17.87 31.55
CA THR A 242 21.51 -17.26 30.25
C THR A 242 21.86 -18.32 29.22
N LEU A 243 22.54 -19.40 29.64
CA LEU A 243 22.88 -20.47 28.70
C LEU A 243 21.63 -21.15 28.17
N VAL A 244 20.68 -21.48 29.05
CA VAL A 244 19.46 -22.14 28.57
C VAL A 244 18.60 -21.18 27.76
N ILE A 245 18.55 -19.90 28.14
CA ILE A 245 17.77 -18.95 27.36
C ILE A 245 18.35 -18.78 25.96
N ILE A 246 19.68 -18.71 25.86
CA ILE A 246 20.31 -18.66 24.55
C ILE A 246 20.05 -19.93 23.77
N SER A 247 20.11 -21.09 24.45
CA SER A 247 19.86 -22.35 23.76
C SER A 247 18.43 -22.43 23.22
N VAL A 248 17.48 -21.76 23.86
CA VAL A 248 16.10 -21.74 23.37
C VAL A 248 15.83 -20.57 22.42
N SER A 249 16.76 -19.61 22.32
CA SER A 249 16.58 -18.48 21.41
C SER A 249 16.46 -18.86 19.93
N PRO A 250 17.27 -19.81 19.39
CA PRO A 250 17.26 -20.12 17.95
C PRO A 250 15.87 -20.45 17.39
N LEU A 251 15.11 -21.28 18.07
CA LEU A 251 13.81 -21.61 17.48
C LEU A 251 13.06 -20.34 17.12
N ILE A 252 13.07 -19.37 18.04
CA ILE A 252 12.49 -18.06 17.75
C ILE A 252 13.23 -17.39 16.59
N GLY A 253 14.55 -17.56 16.54
CA GLY A 253 15.30 -17.01 15.42
C GLY A 253 14.89 -17.60 14.09
N ILE A 254 14.75 -18.94 14.04
CA ILE A 254 14.31 -19.60 12.82
C ILE A 254 12.92 -19.14 12.42
N GLY A 255 12.01 -19.02 13.40
CA GLY A 255 10.67 -18.56 13.10
C GLY A 255 10.64 -17.15 12.54
N ALA A 256 11.43 -16.25 13.14
CA ALA A 256 11.49 -14.88 12.64
C ALA A 256 12.07 -14.83 11.24
N ALA A 257 13.13 -15.61 10.98
CA ALA A 257 13.71 -15.64 9.64
C ALA A 257 12.72 -16.17 8.62
N THR A 258 11.98 -17.22 8.97
CA THR A 258 10.98 -17.76 8.06
C THR A 258 9.86 -16.77 7.80
N ILE A 259 9.45 -16.03 8.83
CA ILE A 259 8.44 -14.98 8.64
C ILE A 259 8.96 -13.92 7.67
N GLY A 260 10.21 -13.51 7.85
CA GLY A 260 10.79 -12.52 6.96
C GLY A 260 10.85 -12.99 5.51
N LEU A 261 11.23 -14.26 5.31
CA LEU A 261 11.25 -14.80 3.95
C LEU A 261 9.84 -14.88 3.37
N SER A 262 8.87 -15.31 4.18
CA SER A 262 7.49 -15.43 3.71
C SER A 262 6.92 -14.07 3.34
N VAL A 263 7.40 -13.00 3.99
CA VAL A 263 6.92 -11.65 3.67
C VAL A 263 7.08 -11.37 2.18
N SER A 264 8.24 -11.71 1.62
CA SER A 264 8.48 -11.51 0.19
C SER A 264 7.91 -12.63 -0.68
N LYS A 265 7.97 -13.87 -0.19
CA LYS A 265 7.46 -14.98 -0.99
C LYS A 265 5.96 -14.83 -1.27
N PHE A 266 5.19 -14.48 -0.23
CA PHE A 266 3.76 -14.34 -0.42
C PHE A 266 3.41 -13.07 -1.19
N THR A 267 4.24 -12.03 -1.09
CA THR A 267 4.04 -10.87 -1.95
C THR A 267 4.16 -11.24 -3.42
N ASP A 268 5.22 -12.00 -3.76
CA ASP A 268 5.39 -12.46 -5.13
C ASP A 268 4.23 -13.35 -5.56
N TYR A 269 3.80 -14.25 -4.67
CA TYR A 269 2.70 -15.16 -5.00
C TYR A 269 1.40 -14.39 -5.21
N GLU A 270 1.14 -13.38 -4.39
CA GLU A 270 -0.06 -12.56 -4.55
C GLU A 270 -0.02 -11.80 -5.87
N LEU A 271 1.13 -11.25 -6.23
CA LEU A 271 1.24 -10.58 -7.51
C LEU A 271 0.97 -11.54 -8.66
N LYS A 272 1.54 -12.75 -8.59
CA LYS A 272 1.29 -13.73 -9.64
C LYS A 272 -0.18 -14.11 -9.72
N ALA A 273 -0.83 -14.25 -8.56
CA ALA A 273 -2.24 -14.62 -8.54
C ALA A 273 -3.10 -13.51 -9.13
N TYR A 274 -2.80 -12.26 -8.81
CA TYR A 274 -3.59 -11.14 -9.31
C TYR A 274 -3.23 -10.76 -10.75
N ALA A 275 -2.16 -11.33 -11.30
CA ALA A 275 -1.76 -11.01 -12.66
C ALA A 275 -2.89 -11.24 -13.66
N LYS A 276 -3.67 -12.31 -13.48
CA LYS A 276 -4.72 -12.63 -14.45
C LYS A 276 -5.84 -11.61 -14.42
N ALA A 277 -6.33 -11.27 -13.22
CA ALA A 277 -7.37 -10.25 -13.11
C ALA A 277 -6.87 -8.91 -13.59
N GLY A 278 -5.61 -8.58 -13.30
CA GLY A 278 -5.04 -7.34 -13.82
C GLY A 278 -4.98 -7.32 -15.32
N VAL A 279 -4.62 -8.45 -15.93
CA VAL A 279 -4.58 -8.55 -17.39
C VAL A 279 -5.97 -8.33 -17.97
N VAL A 280 -6.99 -8.93 -17.35
CA VAL A 280 -8.36 -8.69 -17.78
C VAL A 280 -8.70 -7.20 -17.70
N ALA A 281 -8.32 -6.57 -16.59
CA ALA A 281 -8.64 -5.15 -16.41
C ALA A 281 -7.97 -4.29 -17.46
N ASP A 282 -6.68 -4.53 -17.73
CA ASP A 282 -6.00 -3.75 -18.77
C ASP A 282 -6.60 -4.01 -20.14
N GLU A 283 -6.95 -5.26 -20.45
CA GLU A 283 -7.54 -5.55 -21.76
C GLU A 283 -8.87 -4.83 -21.92
N VAL A 284 -9.66 -4.76 -20.86
CA VAL A 284 -10.96 -4.11 -20.96
C VAL A 284 -10.81 -2.59 -21.05
N ILE A 285 -10.07 -2.00 -20.11
CA ILE A 285 -9.97 -0.55 -20.05
C ILE A 285 -9.22 0.01 -21.25
N SER A 286 -8.22 -0.72 -21.74
CA SER A 286 -7.43 -0.22 -22.87
C SER A 286 -8.32 0.04 -24.09
N SER A 287 -9.24 -0.88 -24.36
CA SER A 287 -10.22 -0.70 -25.42
C SER A 287 -11.59 -0.54 -24.78
N MET A 288 -11.90 0.70 -24.38
CA MET A 288 -13.17 0.99 -23.74
C MET A 288 -14.24 1.40 -24.74
N ARG A 289 -13.84 2.02 -25.86
CA ARG A 289 -14.82 2.38 -26.87
C ARG A 289 -15.51 1.15 -27.43
N THR A 290 -14.75 0.08 -27.69
CA THR A 290 -15.34 -1.15 -28.22
C THR A 290 -16.24 -1.80 -27.18
N VAL A 291 -15.82 -1.83 -25.92
CA VAL A 291 -16.64 -2.43 -24.87
C VAL A 291 -17.95 -1.68 -24.73
N ALA A 292 -17.90 -0.35 -24.71
CA ALA A 292 -19.11 0.44 -24.54
C ALA A 292 -20.00 0.35 -25.77
N ALA A 293 -19.40 0.30 -26.97
CA ALA A 293 -20.19 0.29 -28.19
C ALA A 293 -21.03 -0.96 -28.30
N PHE A 294 -20.47 -2.10 -27.93
CA PHE A 294 -21.20 -3.37 -27.97
C PHE A 294 -21.96 -3.67 -26.69
N GLY A 295 -21.91 -2.76 -25.72
CA GLY A 295 -22.64 -2.95 -24.48
C GLY A 295 -22.15 -4.11 -23.65
N GLY A 296 -20.85 -4.37 -23.65
CA GLY A 296 -20.31 -5.49 -22.92
C GLY A 296 -19.87 -5.15 -21.51
N GLU A 297 -20.55 -4.21 -20.88
CA GLU A 297 -20.16 -3.82 -19.53
C GLU A 297 -20.32 -4.97 -18.54
N LYS A 298 -21.43 -5.71 -18.66
CA LYS A 298 -21.70 -6.77 -17.69
C LYS A 298 -20.74 -7.95 -17.85
N ARG A 299 -20.39 -8.27 -19.10
CA ARG A 299 -19.53 -9.43 -19.34
C ARG A 299 -18.13 -9.22 -18.77
N GLU A 300 -17.57 -8.03 -18.97
CA GLU A 300 -16.24 -7.75 -18.45
C GLU A 300 -16.22 -7.77 -16.93
N VAL A 301 -17.28 -7.23 -16.30
CA VAL A 301 -17.39 -7.30 -14.85
C VAL A 301 -17.44 -8.76 -14.40
N GLU A 302 -18.17 -9.60 -15.14
CA GLU A 302 -18.25 -11.00 -14.80
C GLU A 302 -16.88 -11.67 -14.87
N ARG A 303 -16.13 -11.38 -15.93
CA ARG A 303 -14.79 -11.94 -16.06
C ARG A 303 -13.89 -11.48 -14.93
N TYR A 304 -13.97 -10.20 -14.57
CA TYR A 304 -13.15 -9.66 -13.49
C TYR A 304 -13.47 -10.34 -12.16
N GLU A 305 -14.76 -10.46 -11.83
CA GLU A 305 -15.11 -11.08 -10.56
C GLU A 305 -14.80 -12.57 -10.55
N LYS A 306 -14.82 -13.21 -11.72
CA LYS A 306 -14.41 -14.61 -11.80
C LYS A 306 -12.92 -14.75 -11.54
N ASN A 307 -12.11 -13.81 -12.07
CA ASN A 307 -10.67 -13.91 -11.93
C ASN A 307 -10.15 -13.41 -10.58
N LEU A 308 -10.94 -12.62 -9.85
CA LEU A 308 -10.44 -12.06 -8.60
C LEU A 308 -10.28 -13.10 -7.49
N VAL A 309 -10.99 -14.22 -7.58
CA VAL A 309 -10.95 -15.21 -6.51
C VAL A 309 -9.56 -15.83 -6.38
N PHE A 310 -8.86 -16.01 -7.50
CA PHE A 310 -7.56 -16.65 -7.47
C PHE A 310 -6.52 -15.81 -6.74
N ALA A 311 -6.71 -14.50 -6.67
CA ALA A 311 -5.86 -13.65 -5.85
C ALA A 311 -6.39 -13.48 -4.44
N GLN A 312 -7.71 -13.49 -4.28
CA GLN A 312 -8.27 -13.42 -2.93
C GLN A 312 -7.83 -14.61 -2.09
N ARG A 313 -7.83 -15.80 -2.68
CA ARG A 313 -7.44 -17.00 -1.94
C ARG A 313 -5.97 -16.93 -1.51
N TRP A 314 -5.11 -16.40 -2.37
CA TRP A 314 -3.70 -16.26 -2.00
C TRP A 314 -3.53 -15.22 -0.90
N GLY A 315 -4.33 -14.16 -0.94
CA GLY A 315 -4.34 -13.24 0.19
C GLY A 315 -4.72 -13.92 1.49
N ILE A 316 -5.75 -14.77 1.43
CA ILE A 316 -6.15 -15.53 2.62
C ILE A 316 -5.02 -16.40 3.11
N ARG A 317 -4.35 -17.10 2.18
CA ARG A 317 -3.28 -18.01 2.57
C ARG A 317 -2.11 -17.26 3.21
N LYS A 318 -1.72 -16.13 2.63
CA LYS A 318 -0.66 -15.33 3.24
C LYS A 318 -1.07 -14.88 4.63
N GLY A 319 -2.31 -14.42 4.78
CA GLY A 319 -2.75 -13.97 6.08
C GLY A 319 -2.73 -15.05 7.14
N ILE A 320 -3.23 -16.24 6.78
CA ILE A 320 -3.30 -17.31 7.77
C ILE A 320 -1.90 -17.79 8.13
N VAL A 321 -1.00 -17.90 7.14
CA VAL A 321 0.36 -18.32 7.45
C VAL A 321 1.04 -17.31 8.36
N MET A 322 0.90 -16.02 8.06
CA MET A 322 1.54 -15.00 8.88
C MET A 322 0.98 -14.98 10.29
N GLY A 323 -0.34 -15.11 10.43
CA GLY A 323 -0.94 -15.15 11.75
C GLY A 323 -0.49 -16.36 12.55
N PHE A 324 -0.46 -17.53 11.92
CA PHE A 324 -0.02 -18.72 12.61
C PHE A 324 1.43 -18.61 13.04
N PHE A 325 2.27 -18.02 12.18
CA PHE A 325 3.70 -17.94 12.51
C PHE A 325 3.95 -16.92 13.61
N THR A 326 3.22 -15.81 13.61
CA THR A 326 3.37 -14.86 14.71
C THR A 326 2.83 -15.44 16.02
N GLY A 327 1.77 -16.25 15.94
CA GLY A 327 1.31 -16.95 17.13
C GLY A 327 2.32 -17.96 17.62
N PHE A 328 3.01 -18.64 16.69
CA PHE A 328 4.07 -19.56 17.06
C PHE A 328 5.21 -18.83 17.75
N VAL A 329 5.58 -17.65 17.23
CA VAL A 329 6.66 -16.87 17.86
C VAL A 329 6.25 -16.45 19.27
N TRP A 330 5.01 -15.98 19.42
CA TRP A 330 4.55 -15.56 20.75
C TRP A 330 4.51 -16.73 21.73
N CYS A 331 4.00 -17.89 21.28
CA CYS A 331 3.96 -19.05 22.14
C CYS A 331 5.36 -19.51 22.51
N LEU A 332 6.29 -19.46 21.57
CA LEU A 332 7.68 -19.81 21.86
C LEU A 332 8.29 -18.86 22.87
N ILE A 333 7.98 -17.56 22.74
CA ILE A 333 8.49 -16.59 23.71
C ILE A 333 7.96 -16.89 25.10
N PHE A 334 6.67 -17.21 25.21
CA PHE A 334 6.12 -17.49 26.53
C PHE A 334 6.62 -18.81 27.10
N LEU A 335 6.85 -19.81 26.23
CA LEU A 335 7.47 -21.05 26.68
C LEU A 335 8.89 -20.80 27.17
N CYS A 336 9.63 -19.92 26.49
CA CYS A 336 10.94 -19.52 26.96
C CYS A 336 10.86 -18.86 28.33
N TYR A 337 9.86 -17.99 28.53
CA TYR A 337 9.70 -17.34 29.82
C TYR A 337 9.43 -18.37 30.90
N ALA A 338 8.54 -19.32 30.64
CA ALA A 338 8.22 -20.34 31.64
C ALA A 338 9.44 -21.20 31.95
N LEU A 339 10.18 -21.61 30.92
CA LEU A 339 11.38 -22.42 31.14
C LEU A 339 12.41 -21.67 31.95
N ALA A 340 12.67 -20.41 31.60
CA ALA A 340 13.64 -19.62 32.33
C ALA A 340 13.22 -19.43 33.79
N PHE A 341 11.95 -19.30 34.03
CA PHE A 341 11.55 -19.00 35.42
C PHE A 341 11.56 -20.29 36.22
N TRP A 342 11.26 -21.41 35.60
CA TRP A 342 11.37 -22.67 36.34
C TRP A 342 12.82 -23.01 36.64
N TYR A 343 13.70 -22.87 35.64
CA TYR A 343 15.11 -23.18 35.84
C TYR A 343 15.74 -22.25 36.88
N GLY A 344 15.43 -20.95 36.79
CA GLY A 344 15.96 -20.01 37.77
C GLY A 344 15.43 -20.29 39.16
N SER A 345 14.17 -20.68 39.28
CA SER A 345 13.62 -21.03 40.59
C SER A 345 14.32 -22.24 41.17
N THR A 346 14.58 -23.26 40.33
CA THR A 346 15.30 -24.43 40.82
C THR A 346 16.72 -24.06 41.25
N LEU A 347 17.38 -23.20 40.48
CA LEU A 347 18.74 -22.80 40.83
C LEU A 347 18.76 -21.99 42.12
N VAL A 348 17.81 -21.07 42.29
CA VAL A 348 17.80 -20.21 43.47
C VAL A 348 17.46 -21.01 44.71
N LEU A 349 16.40 -21.82 44.65
CA LEU A 349 15.93 -22.51 45.84
C LEU A 349 16.86 -23.65 46.22
N ASP A 350 17.27 -24.47 45.24
CA ASP A 350 18.05 -25.66 45.55
C ASP A 350 19.53 -25.34 45.71
N GLU A 351 20.17 -24.87 44.63
CA GLU A 351 21.61 -24.63 44.66
C GLU A 351 21.93 -23.44 45.54
N GLY A 352 21.24 -22.32 45.34
CA GLY A 352 21.44 -21.15 46.16
C GLY A 352 22.51 -20.19 45.68
N GLU A 353 23.22 -20.50 44.61
CA GLU A 353 24.25 -19.59 44.12
C GLU A 353 23.68 -18.38 43.41
N TYR A 354 22.40 -18.41 43.03
CA TYR A 354 21.72 -17.28 42.43
C TYR A 354 20.82 -16.63 43.47
N THR A 355 20.98 -15.36 43.63
CA THR A 355 19.96 -14.68 44.41
C THR A 355 18.82 -14.24 43.49
N PRO A 356 17.58 -14.13 44.00
CA PRO A 356 16.46 -13.77 43.10
C PRO A 356 16.68 -12.47 42.34
N GLY A 357 17.34 -11.49 42.94
CA GLY A 357 17.68 -10.29 42.20
C GLY A 357 18.57 -10.59 41.01
N THR A 358 19.52 -11.52 41.18
CA THR A 358 20.37 -11.93 40.06
C THR A 358 19.53 -12.62 38.99
N LEU A 359 18.55 -13.43 39.40
CA LEU A 359 17.65 -14.05 38.43
C LEU A 359 16.93 -13.01 37.59
N VAL A 360 16.33 -12.02 38.27
CA VAL A 360 15.59 -10.98 37.55
C VAL A 360 16.51 -10.20 36.64
N GLN A 361 17.71 -9.85 37.13
CA GLN A 361 18.65 -9.11 36.32
C GLN A 361 19.04 -9.89 35.08
N ILE A 362 19.34 -11.18 35.23
CA ILE A 362 19.76 -12.00 34.10
C ILE A 362 18.63 -12.10 33.08
N PHE A 363 17.42 -12.39 33.55
CA PHE A 363 16.30 -12.56 32.64
C PHE A 363 16.02 -11.27 31.87
N LEU A 364 15.91 -10.15 32.59
CA LEU A 364 15.63 -8.88 31.92
C LEU A 364 16.77 -8.47 31.01
N SER A 365 18.01 -8.76 31.39
CA SER A 365 19.15 -8.40 30.55
C SER A 365 19.14 -9.18 29.25
N VAL A 366 18.85 -10.48 29.30
CA VAL A 366 18.80 -11.27 28.08
C VAL A 366 17.63 -10.84 27.22
N ILE A 367 16.49 -10.51 27.84
CA ILE A 367 15.33 -10.03 27.08
C ILE A 367 15.67 -8.71 26.38
N VAL A 368 16.35 -7.80 27.08
CA VAL A 368 16.74 -6.54 26.50
C VAL A 368 17.70 -6.75 25.34
N GLY A 369 18.66 -7.67 25.51
CA GLY A 369 19.57 -7.97 24.42
C GLY A 369 18.86 -8.52 23.20
N ALA A 370 17.91 -9.43 23.42
CA ALA A 370 17.14 -9.97 22.30
C ALA A 370 16.34 -8.89 21.61
N LEU A 371 15.71 -8.00 22.38
CA LEU A 371 14.92 -6.92 21.79
C LEU A 371 15.81 -5.98 20.97
N ASN A 372 16.99 -5.64 21.49
CA ASN A 372 17.90 -4.77 20.77
C ASN A 372 18.41 -5.43 19.50
N LEU A 373 18.69 -6.73 19.56
CA LEU A 373 19.10 -7.44 18.35
C LEU A 373 17.99 -7.45 17.31
N GLY A 374 16.75 -7.68 17.75
CA GLY A 374 15.64 -7.69 16.81
C GLY A 374 15.36 -6.32 16.21
N ASN A 375 15.55 -5.26 16.99
CA ASN A 375 15.27 -3.91 16.51
C ASN A 375 16.32 -3.38 15.54
N ALA A 376 17.44 -4.08 15.37
CA ALA A 376 18.51 -3.61 14.53
C ALA A 376 18.37 -3.98 13.06
N SER A 377 17.46 -4.89 12.78
CA SER A 377 17.26 -5.31 11.37
C SER A 377 16.92 -4.09 10.52
N PRO A 378 16.02 -3.18 10.95
CA PRO A 378 15.79 -1.96 10.20
C PRO A 378 17.07 -1.20 9.91
N CYS A 379 17.88 -1.00 10.94
CA CYS A 379 19.11 -0.20 10.78
C CYS A 379 20.02 -0.88 9.76
N LEU A 380 20.07 -2.20 9.79
CA LEU A 380 21.01 -2.85 8.87
C LEU A 380 20.42 -2.72 7.46
N GLU A 381 19.09 -2.66 7.39
CA GLU A 381 18.45 -2.48 6.07
C GLU A 381 18.91 -1.15 5.49
N ALA A 382 18.86 -0.10 6.29
CA ALA A 382 19.30 1.24 5.86
C ALA A 382 20.76 1.16 5.43
N PHE A 383 21.60 0.54 6.25
CA PHE A 383 23.04 0.54 5.90
C PHE A 383 23.17 -0.04 4.50
N ALA A 384 22.49 -1.15 4.28
CA ALA A 384 22.53 -1.81 2.95
C ALA A 384 22.11 -0.82 1.87
N THR A 385 20.87 -0.33 1.95
CA THR A 385 20.37 0.56 0.87
C THR A 385 21.38 1.69 0.61
N GLY A 386 21.99 2.24 1.65
CA GLY A 386 22.90 3.39 1.46
C GLY A 386 24.21 3.04 0.77
N ARG A 387 24.86 1.99 1.24
CA ARG A 387 26.06 1.56 0.50
C ARG A 387 25.62 1.37 -0.95
N ALA A 388 24.42 0.83 -1.15
CA ALA A 388 23.94 0.52 -2.52
C ALA A 388 23.84 1.77 -3.38
N ALA A 389 23.27 2.84 -2.82
CA ALA A 389 23.08 4.04 -3.64
C ALA A 389 24.41 4.79 -3.80
N ALA A 390 25.39 4.56 -2.94
CA ALA A 390 26.69 5.25 -3.26
C ALA A 390 27.42 4.35 -4.25
N THR A 391 27.03 3.09 -4.32
CA THR A 391 27.57 2.20 -5.37
C THR A 391 26.95 2.77 -6.63
N SER A 392 25.79 3.40 -6.44
CA SER A 392 25.14 4.08 -7.56
C SER A 392 25.90 5.36 -7.92
N ILE A 393 26.47 6.13 -6.97
CA ILE A 393 27.12 7.43 -7.37
C ILE A 393 28.64 7.40 -7.22
N PHE A 394 29.26 6.24 -6.96
CA PHE A 394 30.73 6.17 -6.70
C PHE A 394 31.62 6.41 -7.93
N GLU A 395 31.08 6.31 -9.15
CA GLU A 395 31.95 6.37 -10.35
C GLU A 395 31.50 7.66 -11.02
N THR A 396 30.62 8.42 -10.36
CA THR A 396 30.26 9.78 -10.87
C THR A 396 31.30 10.73 -10.28
N ILE A 397 32.28 10.18 -9.55
CA ILE A 397 33.40 10.90 -8.95
C ILE A 397 34.69 10.12 -9.18
N ASP A 398 35.73 10.83 -9.60
CA ASP A 398 37.02 10.24 -9.93
C ASP A 398 36.88 9.15 -11.00
N VAL A 736 -9.35 13.39 -2.59
CA VAL A 736 -8.38 14.44 -2.35
C VAL A 736 -8.35 14.80 -0.88
N GLU A 737 -9.48 14.61 -0.20
CA GLU A 737 -9.59 14.93 1.21
C GLU A 737 -9.86 13.67 2.01
N PRO A 738 -9.12 13.43 3.09
CA PRO A 738 -9.31 12.20 3.87
C PRO A 738 -10.55 12.23 4.76
N ALA A 739 -11.47 13.14 4.48
CA ALA A 739 -12.65 13.34 5.32
C ALA A 739 -13.47 12.08 5.56
N PRO A 740 -13.90 11.29 4.55
CA PRO A 740 -14.82 10.24 4.85
C PRO A 740 -14.06 9.01 5.26
N VAL A 741 -14.31 8.56 6.49
CA VAL A 741 -13.83 7.29 7.03
C VAL A 741 -15.00 6.60 7.70
N ARG A 742 -15.99 7.39 8.13
CA ARG A 742 -17.18 6.84 8.76
C ARG A 742 -17.97 5.93 7.82
N ARG A 743 -17.84 6.13 6.51
CA ARG A 743 -18.51 5.27 5.53
C ARG A 743 -17.73 4.02 5.19
N ILE A 744 -16.46 3.94 5.60
CA ILE A 744 -15.67 2.73 5.33
C ILE A 744 -16.25 1.55 6.09
N LEU A 745 -16.71 1.82 7.27
CA LEU A 745 -17.39 0.74 7.96
C LEU A 745 -18.66 0.50 7.14
N LYS A 746 -19.40 1.53 6.79
CA LYS A 746 -20.66 1.35 6.07
C LYS A 746 -20.46 0.50 4.83
N PHE A 747 -19.37 0.75 4.09
CA PHE A 747 -19.09 -0.07 2.91
C PHE A 747 -18.67 -1.49 3.28
N SER A 748 -18.15 -1.70 4.48
CA SER A 748 -17.69 -3.01 4.92
C SER A 748 -18.72 -3.73 5.79
N ALA A 749 -20.00 -3.38 5.64
CA ALA A 749 -21.04 -4.01 6.45
C ALA A 749 -21.12 -5.52 6.27
N PRO A 750 -21.15 -6.07 5.04
CA PRO A 750 -21.31 -7.53 4.91
C PRO A 750 -20.22 -8.34 5.57
N GLU A 751 -19.05 -7.74 5.81
CA GLU A 751 -17.95 -8.41 6.49
C GLU A 751 -17.94 -8.11 7.99
N TRP A 752 -19.10 -7.83 8.55
CA TRP A 752 -19.22 -7.53 9.99
C TRP A 752 -18.80 -8.72 10.84
N PRO A 753 -19.06 -10.01 10.53
CA PRO A 753 -18.66 -11.08 11.46
C PRO A 753 -17.16 -11.26 11.52
N TYR A 754 -16.50 -11.28 10.35
CA TYR A 754 -15.08 -11.55 10.29
C TYR A 754 -14.28 -10.48 11.02
N MET A 755 -14.70 -9.23 10.91
CA MET A 755 -14.11 -8.18 11.72
C MET A 755 -14.37 -8.43 13.20
N LEU A 756 -15.62 -8.74 13.54
CA LEU A 756 -15.97 -8.99 14.95
C LEU A 756 -15.12 -10.09 15.53
N VAL A 757 -15.04 -11.22 14.83
CA VAL A 757 -14.16 -12.30 15.26
C VAL A 757 -12.72 -11.80 15.40
N GLY A 758 -12.27 -11.02 14.41
CA GLY A 758 -10.95 -10.42 14.52
C GLY A 758 -10.82 -9.55 15.75
N SER A 759 -11.88 -8.80 16.08
CA SER A 759 -11.86 -8.01 17.31
C SER A 759 -11.66 -8.90 18.52
N VAL A 760 -12.30 -10.07 18.53
CA VAL A 760 -12.10 -11.01 19.62
C VAL A 760 -10.64 -11.41 19.71
N GLY A 761 -9.99 -11.56 18.56
CA GLY A 761 -8.56 -11.81 18.57
C GLY A 761 -7.78 -10.66 19.18
N ALA A 762 -8.19 -9.43 18.87
CA ALA A 762 -7.47 -8.28 19.41
C ALA A 762 -7.74 -8.11 20.90
N ALA A 763 -8.98 -8.32 21.33
CA ALA A 763 -9.33 -8.11 22.73
C ALA A 763 -8.75 -9.16 23.65
N VAL A 764 -8.27 -10.28 23.10
CA VAL A 764 -7.67 -11.34 23.91
C VAL A 764 -6.15 -11.20 23.94
N ASN A 765 -5.53 -10.97 22.79
CA ASN A 765 -4.08 -10.76 22.74
C ASN A 765 -3.67 -9.36 23.16
N GLY A 766 -4.62 -8.53 23.59
CA GLY A 766 -4.28 -7.25 24.15
C GLY A 766 -3.98 -7.35 25.63
N THR A 767 -4.49 -8.40 26.26
CA THR A 767 -4.29 -8.61 27.69
C THR A 767 -3.00 -9.37 28.00
N VAL A 768 -2.28 -9.83 26.98
CA VAL A 768 -1.11 -10.68 27.23
C VAL A 768 -0.02 -9.89 27.92
N THR A 769 0.19 -8.62 27.53
CA THR A 769 1.22 -7.83 28.20
C THR A 769 0.88 -7.51 29.64
N PRO A 770 -0.32 -7.01 29.98
CA PRO A 770 -0.64 -6.83 31.40
C PRO A 770 -0.62 -8.11 32.19
N LEU A 771 -1.05 -9.23 31.59
CA LEU A 771 -0.99 -10.51 32.29
C LEU A 771 0.44 -10.97 32.49
N TYR A 772 1.33 -10.68 31.54
CA TYR A 772 2.75 -11.00 31.72
C TYR A 772 3.35 -10.18 32.85
N ALA A 773 2.98 -8.89 32.93
CA ALA A 773 3.43 -8.08 34.06
C ALA A 773 2.91 -8.65 35.38
N PHE A 774 1.64 -9.07 35.39
CA PHE A 774 1.04 -9.65 36.59
C PHE A 774 1.77 -10.93 37.00
N LEU A 775 2.08 -11.80 36.04
CA LEU A 775 2.73 -13.06 36.36
C LEU A 775 4.19 -12.86 36.79
N PHE A 776 4.88 -11.91 36.16
CA PHE A 776 6.23 -11.59 36.59
C PHE A 776 6.23 -11.06 38.01
N SER A 777 5.28 -10.19 38.34
CA SER A 777 5.16 -9.69 39.70
C SER A 777 4.83 -10.81 40.68
N GLN A 778 4.00 -11.77 40.24
CA GLN A 778 3.71 -12.92 41.10
C GLN A 778 4.96 -13.75 41.37
N ILE A 779 5.77 -13.98 40.33
CA ILE A 779 7.03 -14.69 40.51
C ILE A 779 7.93 -13.96 41.48
N LEU A 780 8.02 -12.64 41.33
CA LEU A 780 8.85 -11.86 42.25
C LEU A 780 8.32 -11.93 43.69
N GLY A 781 7.00 -11.88 43.86
CA GLY A 781 6.43 -11.86 45.19
C GLY A 781 6.42 -13.20 45.88
N THR A 782 6.49 -14.29 45.11
CA THR A 782 6.50 -15.60 45.73
C THR A 782 7.88 -16.01 46.24
N PHE A 783 8.91 -15.22 45.97
CA PHE A 783 10.25 -15.52 46.46
C PHE A 783 10.43 -15.18 47.93
N SER A 784 9.45 -14.52 48.55
CA SER A 784 9.49 -14.21 49.97
C SER A 784 8.67 -15.18 50.81
N ILE A 785 8.13 -16.23 50.19
CA ILE A 785 7.30 -17.19 50.92
C ILE A 785 8.21 -18.04 51.81
N PRO A 786 7.93 -18.13 53.12
CA PRO A 786 8.80 -18.93 54.00
C PRO A 786 8.87 -20.40 53.62
N ASP A 787 7.78 -20.99 53.15
CA ASP A 787 7.76 -22.40 52.83
C ASP A 787 8.44 -22.66 51.49
N LYS A 788 9.39 -23.60 51.47
CA LYS A 788 10.04 -23.95 50.22
C LYS A 788 9.11 -24.73 49.31
N GLU A 789 8.35 -25.68 49.86
CA GLU A 789 7.44 -26.47 49.03
C GLU A 789 6.32 -25.62 48.47
N GLU A 790 5.77 -24.69 49.27
CA GLU A 790 4.76 -23.80 48.74
C GLU A 790 5.34 -22.84 47.72
N GLN A 791 6.59 -22.41 47.93
CA GLN A 791 7.27 -21.59 46.92
C GLN A 791 7.36 -22.33 45.60
N ARG A 792 7.78 -23.59 45.63
CA ARG A 792 7.90 -24.38 44.41
C ARG A 792 6.53 -24.61 43.78
N SER A 793 5.50 -24.86 44.58
CA SER A 793 4.16 -25.06 44.03
C SER A 793 3.65 -23.80 43.35
N GLN A 794 3.87 -22.63 43.96
CA GLN A 794 3.44 -21.38 43.35
C GLN A 794 4.20 -21.12 42.06
N ILE A 795 5.50 -21.40 42.05
CA ILE A 795 6.29 -21.20 40.84
C ILE A 795 5.82 -22.14 39.73
N ASN A 796 5.50 -23.39 40.10
CA ASN A 796 4.97 -24.33 39.11
C ASN A 796 3.64 -23.86 38.56
N GLY A 797 2.77 -23.34 39.43
CA GLY A 797 1.50 -22.81 38.95
C GLY A 797 1.67 -21.64 38.00
N VAL A 798 2.61 -20.74 38.32
CA VAL A 798 2.83 -19.60 37.44
C VAL A 798 3.44 -20.05 36.11
N CYS A 799 4.32 -21.06 36.14
CA CYS A 799 4.87 -21.59 34.90
C CYS A 799 3.78 -22.23 34.04
N LEU A 800 2.86 -22.97 34.67
CA LEU A 800 1.74 -23.54 33.94
C LEU A 800 0.86 -22.43 33.35
N LEU A 801 0.65 -21.36 34.10
CA LEU A 801 -0.09 -20.22 33.56
C LEU A 801 0.63 -19.61 32.36
N PHE A 802 1.96 -19.53 32.42
CA PHE A 802 2.73 -19.04 31.29
C PHE A 802 2.54 -19.94 30.07
N VAL A 803 2.56 -21.26 30.27
CA VAL A 803 2.38 -22.20 29.16
C VAL A 803 0.99 -22.03 28.55
N ALA A 804 -0.03 -21.95 29.41
CA ALA A 804 -1.39 -21.79 28.94
C ALA A 804 -1.56 -20.49 28.18
N MET A 805 -0.96 -19.41 28.69
CA MET A 805 -1.03 -18.12 28.01
C MET A 805 -0.29 -18.15 26.67
N GLY A 806 0.81 -18.90 26.60
CA GLY A 806 1.49 -19.05 25.32
C GLY A 806 0.64 -19.76 24.29
N CYS A 807 -0.02 -20.86 24.70
CA CYS A 807 -0.90 -21.57 23.78
C CYS A 807 -2.09 -20.70 23.37
N VAL A 808 -2.68 -19.97 24.33
CA VAL A 808 -3.78 -19.08 24.03
C VAL A 808 -3.34 -18.00 23.05
N SER A 809 -2.14 -17.46 23.25
CA SER A 809 -1.62 -16.45 22.33
C SER A 809 -1.40 -17.03 20.95
N LEU A 810 -0.92 -18.27 20.86
CA LEU A 810 -0.80 -18.94 19.57
C LEU A 810 -2.14 -18.95 18.85
N PHE A 811 -3.16 -19.50 19.51
CA PHE A 811 -4.46 -19.65 18.86
C PHE A 811 -5.04 -18.29 18.51
N THR A 812 -4.94 -17.33 19.42
CA THR A 812 -5.56 -16.02 19.23
C THR A 812 -4.86 -15.23 18.13
N GLN A 813 -3.53 -15.24 18.10
CA GLN A 813 -2.81 -14.56 17.03
C GLN A 813 -3.12 -15.18 15.68
N PHE A 814 -3.15 -16.51 15.61
CA PHE A 814 -3.49 -17.15 14.34
C PHE A 814 -4.90 -16.76 13.89
N LEU A 815 -5.85 -16.80 14.83
CA LEU A 815 -7.24 -16.51 14.49
C LEU A 815 -7.39 -15.06 14.05
N GLN A 816 -6.76 -14.14 14.77
CA GLN A 816 -6.83 -12.72 14.42
C GLN A 816 -6.22 -12.47 13.04
N GLY A 817 -5.05 -13.04 12.78
CA GLY A 817 -4.43 -12.85 11.48
C GLY A 817 -5.31 -13.37 10.36
N TYR A 818 -5.83 -14.59 10.52
CA TYR A 818 -6.69 -15.15 9.47
C TYR A 818 -7.94 -14.32 9.27
N ALA A 819 -8.61 -13.96 10.36
CA ALA A 819 -9.88 -13.24 10.24
C ALA A 819 -9.69 -11.87 9.61
N PHE A 820 -8.67 -11.13 10.04
CA PHE A 820 -8.49 -9.80 9.49
C PHE A 820 -7.98 -9.84 8.06
N ALA A 821 -7.14 -10.82 7.72
CA ALA A 821 -6.74 -10.98 6.33
C ALA A 821 -7.93 -11.33 5.46
N LYS A 822 -8.82 -12.20 5.95
CA LYS A 822 -10.00 -12.57 5.17
C LYS A 822 -10.91 -11.37 4.96
N SER A 823 -11.15 -10.60 6.03
CA SER A 823 -11.98 -9.41 5.91
C SER A 823 -11.37 -8.41 4.93
N GLY A 824 -10.06 -8.18 5.03
CA GLY A 824 -9.41 -7.25 4.13
C GLY A 824 -9.46 -7.71 2.68
N GLU A 825 -9.28 -9.01 2.44
CA GLU A 825 -9.29 -9.52 1.08
C GLU A 825 -10.71 -9.47 0.49
N LEU A 826 -11.71 -9.78 1.30
CA LEU A 826 -13.09 -9.66 0.83
C LEU A 826 -13.43 -8.22 0.50
N LEU A 827 -13.03 -7.29 1.37
CA LEU A 827 -13.27 -5.88 1.10
C LEU A 827 -12.53 -5.43 -0.16
N THR A 828 -11.30 -5.91 -0.36
CA THR A 828 -10.56 -5.56 -1.56
C THR A 828 -11.23 -6.09 -2.81
N LYS A 829 -11.75 -7.32 -2.77
CA LYS A 829 -12.45 -7.87 -3.92
C LYS A 829 -13.72 -7.08 -4.23
N ARG A 830 -14.49 -6.76 -3.19
CA ARG A 830 -15.71 -5.99 -3.39
C ARG A 830 -15.39 -4.60 -3.94
N LEU A 831 -14.36 -3.95 -3.40
CA LEU A 831 -13.95 -2.65 -3.89
C LEU A 831 -13.49 -2.72 -5.34
N ARG A 832 -12.73 -3.76 -5.69
CA ARG A 832 -12.26 -3.89 -7.06
C ARG A 832 -13.42 -4.08 -8.02
N LYS A 833 -14.38 -4.94 -7.66
CA LYS A 833 -15.53 -5.16 -8.54
C LYS A 833 -16.35 -3.89 -8.69
N PHE A 834 -16.62 -3.20 -7.58
CA PHE A 834 -17.43 -1.99 -7.64
C PHE A 834 -16.72 -0.88 -8.41
N GLY A 835 -15.41 -0.73 -8.20
CA GLY A 835 -14.66 0.26 -8.94
C GLY A 835 -14.62 -0.04 -10.43
N PHE A 836 -14.47 -1.31 -10.78
CA PHE A 836 -14.51 -1.69 -12.19
C PHE A 836 -15.88 -1.37 -12.80
N ARG A 837 -16.96 -1.67 -12.07
CA ARG A 837 -18.29 -1.34 -12.56
C ARG A 837 -18.45 0.16 -12.75
N ALA A 838 -17.99 0.94 -11.78
CA ALA A 838 -18.09 2.39 -11.87
C ALA A 838 -17.29 2.93 -13.05
N MET A 839 -16.08 2.40 -13.25
CA MET A 839 -15.26 2.83 -14.37
C MET A 839 -15.92 2.49 -15.69
N LEU A 840 -16.52 1.30 -15.80
CA LEU A 840 -17.24 0.95 -17.01
C LEU A 840 -18.48 1.80 -17.23
N GLY A 841 -19.09 2.29 -16.16
CA GLY A 841 -20.27 3.13 -16.30
C GLY A 841 -20.01 4.57 -16.69
N GLN A 842 -18.76 5.03 -16.61
CA GLN A 842 -18.46 6.41 -16.94
C GLN A 842 -18.58 6.66 -18.43
N ASP A 843 -18.73 7.93 -18.79
CA ASP A 843 -18.76 8.32 -20.19
C ASP A 843 -17.36 8.23 -20.80
N ILE A 844 -17.32 8.25 -22.13
CA ILE A 844 -16.05 8.10 -22.83
C ILE A 844 -15.12 9.28 -22.55
N ALA A 845 -15.68 10.48 -22.42
CA ALA A 845 -14.85 11.66 -22.17
C ALA A 845 -14.05 11.55 -20.88
N TRP A 846 -14.55 10.77 -19.92
CA TRP A 846 -13.86 10.61 -18.65
C TRP A 846 -12.57 9.82 -18.79
N PHE A 847 -12.37 9.11 -19.89
CA PHE A 847 -11.17 8.31 -20.09
C PHE A 847 -10.08 9.06 -20.86
N ASP A 848 -10.32 10.31 -21.23
CA ASP A 848 -9.35 11.10 -21.98
C ASP A 848 -8.77 12.25 -21.18
N ASP A 849 -9.00 12.28 -19.87
CA ASP A 849 -8.51 13.38 -19.04
C ASP A 849 -7.00 13.34 -18.85
N LEU A 850 -6.36 12.23 -19.18
CA LEU A 850 -4.93 11.96 -18.97
C LEU A 850 -4.59 11.82 -17.49
N ARG A 851 -5.54 12.03 -16.59
CA ARG A 851 -5.40 11.67 -15.19
C ARG A 851 -6.08 10.35 -14.86
N ASN A 852 -7.06 9.94 -15.65
CA ASN A 852 -7.63 8.60 -15.60
C ASN A 852 -7.18 7.89 -16.86
N SER A 853 -5.98 7.32 -16.79
CA SER A 853 -5.37 6.59 -17.88
C SER A 853 -5.43 5.10 -17.60
N PRO A 854 -5.27 4.25 -18.63
CA PRO A 854 -5.28 2.80 -18.38
C PRO A 854 -4.30 2.37 -17.30
N GLY A 855 -3.07 2.89 -17.33
CA GLY A 855 -2.12 2.57 -16.28
C GLY A 855 -2.55 3.09 -14.92
N ALA A 856 -2.97 4.35 -14.86
CA ALA A 856 -3.40 4.93 -13.59
C ALA A 856 -4.66 4.27 -13.07
N LEU A 857 -5.61 3.99 -13.96
CA LEU A 857 -6.85 3.34 -13.53
C LEU A 857 -6.57 1.92 -13.03
N THR A 858 -5.69 1.20 -13.72
CA THR A 858 -5.32 -0.14 -13.26
C THR A 858 -4.61 -0.07 -11.91
N THR A 859 -3.74 0.92 -11.72
CA THR A 859 -3.08 1.09 -10.44
C THR A 859 -4.10 1.36 -9.32
N ARG A 860 -5.14 2.09 -9.68
CA ARG A 860 -6.14 2.46 -8.66
C ARG A 860 -6.95 1.22 -8.32
N LEU A 861 -7.22 0.42 -9.32
CA LEU A 861 -7.96 -0.82 -9.09
C LEU A 861 -7.14 -1.81 -8.25
N ALA A 862 -5.84 -1.92 -8.54
CA ALA A 862 -5.00 -2.94 -7.93
C ALA A 862 -4.46 -2.52 -6.57
N THR A 863 -3.91 -1.31 -6.47
CA THR A 863 -3.23 -0.87 -5.26
C THR A 863 -4.17 -0.24 -4.25
N ASP A 864 -5.01 0.70 -4.70
CA ASP A 864 -5.81 1.49 -3.77
C ASP A 864 -6.79 0.62 -3.00
N ALA A 865 -7.46 -0.31 -3.70
CA ALA A 865 -8.42 -1.19 -3.03
C ALA A 865 -7.72 -2.06 -2.01
N SER A 866 -6.55 -2.58 -2.34
CA SER A 866 -5.76 -3.35 -1.38
C SER A 866 -5.24 -2.50 -0.24
N GLN A 867 -5.25 -1.17 -0.39
CA GLN A 867 -4.79 -0.27 0.65
C GLN A 867 -5.90 0.17 1.60
N VAL A 868 -7.15 0.21 1.13
CA VAL A 868 -8.25 0.63 1.98
C VAL A 868 -8.42 -0.31 3.17
N GLN A 869 -8.08 -1.59 2.99
CA GLN A 869 -8.19 -2.55 4.09
C GLN A 869 -7.34 -2.16 5.28
N GLY A 870 -6.29 -1.36 5.08
CA GLY A 870 -5.51 -0.87 6.20
C GLY A 870 -6.32 -0.01 7.14
N ALA A 871 -7.12 0.90 6.59
CA ALA A 871 -8.02 1.70 7.42
C ALA A 871 -9.25 0.92 7.84
N ALA A 872 -9.61 -0.13 7.10
CA ALA A 872 -10.84 -0.84 7.40
C ALA A 872 -10.68 -1.83 8.55
N GLY A 873 -9.90 -2.89 8.32
CA GLY A 873 -9.87 -3.99 9.27
C GLY A 873 -8.74 -3.99 10.28
N SER A 874 -7.51 -3.83 9.80
CA SER A 874 -6.36 -3.88 10.70
C SER A 874 -6.36 -2.72 11.68
N GLN A 875 -6.86 -1.57 11.23
CA GLN A 875 -6.91 -0.39 12.10
C GLN A 875 -7.82 -0.63 13.29
N ILE A 876 -9.01 -1.18 13.05
CA ILE A 876 -9.92 -1.52 14.14
C ILE A 876 -9.26 -2.53 15.07
N GLY A 877 -8.56 -3.51 14.50
CA GLY A 877 -7.92 -4.53 15.32
C GLY A 877 -6.87 -3.94 16.25
N MET A 878 -6.01 -3.08 15.73
CA MET A 878 -4.96 -2.52 16.57
C MET A 878 -5.54 -1.55 17.59
N ILE A 879 -6.58 -0.81 17.21
CA ILE A 879 -7.24 0.10 18.15
C ILE A 879 -7.82 -0.70 19.31
N VAL A 880 -8.51 -1.81 19.00
CA VAL A 880 -9.10 -2.63 20.05
C VAL A 880 -8.01 -3.26 20.91
N ASN A 881 -6.93 -3.74 20.27
CA ASN A 881 -5.81 -4.30 21.01
C ASN A 881 -5.28 -3.32 22.04
N SER A 882 -5.00 -2.08 21.60
CA SER A 882 -4.42 -1.10 22.49
C SER A 882 -5.40 -0.66 23.57
N PHE A 883 -6.68 -0.50 23.21
CA PHE A 883 -7.68 -0.14 24.20
C PHE A 883 -7.79 -1.19 25.30
N THR A 884 -7.85 -2.46 24.90
CA THR A 884 -7.96 -3.53 25.89
C THR A 884 -6.68 -3.64 26.72
N ASN A 885 -5.52 -3.46 26.08
CA ASN A 885 -4.26 -3.45 26.83
C ASN A 885 -4.28 -2.39 27.92
N VAL A 886 -4.62 -1.15 27.55
CA VAL A 886 -4.63 -0.06 28.52
C VAL A 886 -5.66 -0.31 29.59
N THR A 887 -6.85 -0.80 29.22
CA THR A 887 -7.90 -1.03 30.20
C THR A 887 -7.49 -2.08 31.21
N VAL A 888 -6.94 -3.21 30.74
CA VAL A 888 -6.54 -4.26 31.66
C VAL A 888 -5.39 -3.80 32.55
N ALA A 889 -4.43 -3.06 31.98
CA ALA A 889 -3.32 -2.57 32.77
C ALA A 889 -3.80 -1.60 33.84
N MET A 890 -4.73 -0.71 33.51
CA MET A 890 -5.27 0.21 34.51
C MET A 890 -6.05 -0.54 35.58
N ILE A 891 -6.79 -1.57 35.19
CA ILE A 891 -7.51 -2.37 36.17
C ILE A 891 -6.54 -3.04 37.14
N ILE A 892 -5.45 -3.60 36.61
CA ILE A 892 -4.45 -4.23 37.46
C ILE A 892 -3.80 -3.21 38.39
N ALA A 893 -3.43 -2.05 37.84
CA ALA A 893 -2.71 -1.05 38.62
C ALA A 893 -3.59 -0.44 39.71
N PHE A 894 -4.86 -0.17 39.41
CA PHE A 894 -5.73 0.52 40.35
C PHE A 894 -6.39 -0.43 41.35
N SER A 895 -6.24 -1.73 41.20
CA SER A 895 -6.84 -2.69 42.11
C SER A 895 -5.91 -3.08 43.25
N PHE A 896 -4.67 -2.62 43.24
CA PHE A 896 -3.71 -2.95 44.28
C PHE A 896 -3.18 -1.75 45.04
N SER A 897 -2.77 -0.69 44.32
CA SER A 897 -2.33 0.54 44.98
C SER A 897 -2.60 1.69 44.01
N TRP A 898 -3.70 2.41 44.24
CA TRP A 898 -4.09 3.48 43.33
C TRP A 898 -3.22 4.71 43.48
N LYS A 899 -2.65 4.97 44.65
CA LYS A 899 -1.80 6.14 44.83
C LYS A 899 -0.55 6.05 43.95
N LEU A 900 0.18 4.94 44.04
CA LEU A 900 1.30 4.74 43.13
C LEU A 900 0.84 4.65 41.69
N SER A 901 -0.38 4.14 41.47
CA SER A 901 -0.93 4.11 40.12
C SER A 901 -1.05 5.52 39.56
N LEU A 902 -1.56 6.46 40.36
CA LEU A 902 -1.65 7.84 39.91
C LEU A 902 -0.27 8.46 39.72
N VAL A 903 0.67 8.13 40.62
CA VAL A 903 2.01 8.70 40.51
C VAL A 903 2.67 8.29 39.19
N ILE A 904 2.54 7.01 38.80
CA ILE A 904 3.11 6.60 37.53
C ILE A 904 2.24 7.05 36.36
N LEU A 905 0.93 7.20 36.57
CA LEU A 905 0.05 7.73 35.53
C LEU A 905 0.39 9.17 35.19
N CYS A 906 1.02 9.90 36.13
CA CYS A 906 1.48 11.24 35.82
C CYS A 906 2.50 11.22 34.69
N PHE A 907 3.42 10.25 34.71
CA PHE A 907 4.40 10.09 33.64
C PHE A 907 3.86 9.29 32.46
N PHE A 908 2.72 8.62 32.63
CA PHE A 908 2.14 7.84 31.54
C PHE A 908 1.99 8.60 30.22
N PRO A 909 1.47 9.82 30.18
CA PRO A 909 1.36 10.51 28.88
C PRO A 909 2.70 10.70 28.18
N PHE A 910 3.75 11.02 28.94
CA PHE A 910 5.06 11.20 28.31
C PHE A 910 5.62 9.88 27.81
N LEU A 911 5.41 8.80 28.56
CA LEU A 911 5.84 7.48 28.09
C LEU A 911 5.14 7.11 26.79
N ALA A 912 3.83 7.38 26.71
CA ALA A 912 3.12 7.13 25.46
C ALA A 912 3.64 8.02 24.34
N LEU A 913 3.84 9.31 24.62
CA LEU A 913 4.33 10.25 23.61
C LEU A 913 5.72 9.91 23.13
N SER A 914 6.48 9.14 23.92
CA SER A 914 7.80 8.70 23.47
C SER A 914 7.73 7.97 22.13
N GLY A 915 6.62 7.28 21.86
CA GLY A 915 6.45 6.60 20.60
C GLY A 915 5.34 7.19 19.74
N ALA A 916 4.39 7.87 20.39
CA ALA A 916 3.26 8.45 19.65
C ALA A 916 3.71 9.54 18.70
N THR A 917 4.61 10.42 19.15
CA THR A 917 5.07 11.55 18.35
C THR A 917 6.29 11.21 17.49
N GLN A 918 6.75 9.97 17.51
CA GLN A 918 7.93 9.59 16.73
C GLN A 918 7.72 9.84 15.25
N THR A 919 6.59 9.38 14.71
CA THR A 919 6.35 9.55 13.28
C THR A 919 6.02 11.00 12.93
N ARG A 920 5.26 11.68 13.78
CA ARG A 920 4.91 13.07 13.52
C ARG A 920 6.13 13.97 13.41
N MET A 921 7.25 13.57 14.00
CA MET A 921 8.49 14.33 13.92
C MET A 921 9.47 13.76 12.90
N LEU A 922 9.44 12.45 12.66
CA LEU A 922 10.26 11.85 11.61
C LEU A 922 9.80 12.25 10.21
N THR A 923 8.50 12.20 9.95
CA THR A 923 7.99 12.51 8.61
C THR A 923 8.12 14.00 8.30
N GLY A 924 7.99 14.86 9.31
CA GLY A 924 8.15 16.27 9.09
C GLY A 924 9.55 16.63 8.62
N ALA A 951 29.23 25.03 -21.97
CA ALA A 951 30.63 24.77 -22.29
C ALA A 951 31.26 25.93 -23.04
N GLY A 952 30.79 26.21 -24.26
CA GLY A 952 31.43 27.20 -25.11
C GLY A 952 31.25 28.63 -24.67
N ILE A 953 30.04 29.17 -24.82
CA ILE A 953 29.80 30.57 -24.47
C ILE A 953 29.79 30.74 -22.95
N GLY A 954 29.27 29.77 -22.20
CA GLY A 954 29.38 29.82 -20.77
C GLY A 954 30.82 29.65 -20.32
N LYS A 955 31.21 30.47 -19.34
CA LYS A 955 32.60 30.53 -18.90
C LYS A 955 32.93 29.54 -17.80
N GLU A 956 31.96 28.72 -17.38
CA GLU A 956 32.20 27.60 -16.46
C GLU A 956 32.71 28.08 -15.12
N ARG A 957 32.54 29.36 -14.81
CA ARG A 957 33.10 29.94 -13.59
C ARG A 957 32.06 30.75 -12.82
N ARG A 958 30.99 31.18 -13.49
CA ARG A 958 29.92 31.89 -12.80
C ARG A 958 29.24 31.00 -11.77
N PHE A 959 28.93 29.75 -12.14
CA PHE A 959 28.17 28.87 -11.28
C PHE A 959 28.98 28.30 -10.12
N ILE A 960 30.30 28.50 -10.10
CA ILE A 960 31.11 28.04 -8.98
C ILE A 960 30.84 28.82 -7.71
N GLU A 961 30.20 29.99 -7.81
CA GLU A 961 29.93 30.84 -6.65
C GLU A 961 28.45 31.00 -6.34
N ALA A 962 27.56 30.78 -7.31
CA ALA A 962 26.14 30.94 -7.07
C ALA A 962 25.53 29.71 -6.41
N LEU A 963 26.30 28.63 -6.28
CA LEU A 963 25.80 27.40 -5.67
C LEU A 963 26.31 27.18 -4.25
N GLU A 964 27.53 27.60 -3.94
CA GLU A 964 28.09 27.37 -2.62
C GLU A 964 27.32 28.15 -1.55
N THR A 965 26.97 29.40 -1.83
CA THR A 965 26.22 30.22 -0.89
C THR A 965 24.75 29.84 -0.80
N GLU A 966 24.25 29.02 -1.73
CA GLU A 966 22.85 28.63 -1.72
C GLU A 966 22.54 27.60 -0.64
N LEU A 967 23.56 26.88 -0.16
CA LEU A 967 23.33 25.74 0.73
C LEU A 967 23.36 26.12 2.20
N GLU A 968 23.43 27.41 2.54
CA GLU A 968 23.39 27.80 3.95
C GLU A 968 22.05 27.46 4.59
N LYS A 969 20.95 27.78 3.90
CA LYS A 969 19.62 27.57 4.48
C LYS A 969 19.31 26.09 4.71
N PRO A 970 19.58 25.17 3.78
CA PRO A 970 19.39 23.75 4.10
C PRO A 970 20.25 23.27 5.26
N PHE A 971 21.48 23.78 5.40
CA PHE A 971 22.29 23.44 6.56
C PHE A 971 21.67 23.94 7.86
N LYS A 972 21.13 25.17 7.84
CA LYS A 972 20.51 25.71 9.04
C LYS A 972 19.26 24.91 9.42
N THR A 973 18.43 24.58 8.44
CA THR A 973 17.25 23.78 8.76
C THR A 973 17.64 22.38 9.20
N ALA A 974 18.72 21.83 8.63
CA ALA A 974 19.17 20.51 9.05
C ALA A 974 19.67 20.53 10.49
N ILE A 975 20.43 21.55 10.87
CA ILE A 975 20.95 21.60 12.24
C ILE A 975 19.82 21.85 13.24
N GLN A 976 18.86 22.71 12.88
CA GLN A 976 17.71 22.92 13.76
C GLN A 976 16.91 21.63 13.94
N LYS A 977 16.69 20.90 12.83
CA LYS A 977 15.95 19.65 12.90
C LYS A 977 16.72 18.61 13.70
N ALA A 978 18.04 18.57 13.54
CA ALA A 978 18.85 17.63 14.33
C ALA A 978 18.79 17.96 15.81
N ASN A 979 18.80 19.25 16.16
CA ASN A 979 18.72 19.63 17.57
C ASN A 979 17.37 19.27 18.15
N ILE A 980 16.28 19.53 17.43
CA ILE A 980 14.95 19.18 17.96
C ILE A 980 14.79 17.66 18.04
N TYR A 981 15.34 16.94 17.06
CA TYR A 981 15.32 15.48 17.10
C TYR A 981 16.12 14.96 18.30
N GLY A 982 17.27 15.57 18.57
CA GLY A 982 18.05 15.18 19.73
C GLY A 982 17.31 15.40 21.02
N PHE A 983 16.66 16.56 21.17
CA PHE A 983 15.91 16.81 22.39
C PHE A 983 14.76 15.82 22.55
N CYS A 984 14.02 15.57 21.47
CA CYS A 984 12.89 14.64 21.56
C CYS A 984 13.36 13.24 21.90
N PHE A 985 14.42 12.78 21.23
CA PHE A 985 14.93 11.43 21.47
C PHE A 985 15.51 11.30 22.88
N ALA A 986 16.24 12.30 23.35
CA ALA A 986 16.79 12.26 24.69
C ALA A 986 15.69 12.26 25.74
N PHE A 987 14.65 13.08 25.54
CA PHE A 987 13.53 13.08 26.46
C PHE A 987 12.82 11.73 26.45
N ALA A 988 12.63 11.14 25.28
CA ALA A 988 11.98 9.83 25.20
C ALA A 988 12.81 8.77 25.90
N GLN A 989 14.13 8.83 25.76
CA GLN A 989 15.01 7.84 26.38
C GLN A 989 15.10 8.02 27.89
N CYS A 990 15.07 9.25 28.38
CA CYS A 990 15.26 9.49 29.81
C CYS A 990 13.96 9.56 30.59
N ILE A 991 12.81 9.68 29.93
CA ILE A 991 11.55 9.80 30.65
C ILE A 991 11.22 8.49 31.37
N MET A 992 11.57 7.35 30.76
CA MET A 992 11.33 6.08 31.43
C MET A 992 12.16 5.97 32.71
N PHE A 993 13.43 6.38 32.64
CA PHE A 993 14.27 6.36 33.84
C PHE A 993 13.74 7.31 34.91
N ILE A 994 13.33 8.51 34.51
CA ILE A 994 12.81 9.47 35.48
C ILE A 994 11.55 8.96 36.13
N ALA A 995 10.64 8.40 35.32
CA ALA A 995 9.40 7.85 35.85
C ALA A 995 9.66 6.70 36.79
N ASN A 996 10.59 5.81 36.43
CA ASN A 996 10.92 4.70 37.31
C ASN A 996 11.50 5.21 38.62
N SER A 997 12.38 6.21 38.56
CA SER A 997 12.96 6.75 39.78
C SER A 997 11.88 7.31 40.71
N ALA A 998 11.01 8.17 40.17
CA ALA A 998 9.99 8.79 41.01
C ALA A 998 9.01 7.75 41.55
N SER A 999 8.56 6.83 40.68
CA SER A 999 7.58 5.83 41.10
C SER A 999 8.18 4.88 42.14
N TYR A 1000 9.45 4.52 41.98
CA TYR A 1000 10.06 3.60 42.95
C TYR A 1000 10.35 4.30 44.27
N ARG A 1001 10.70 5.58 44.23
CA ARG A 1001 10.84 6.32 45.49
C ARG A 1001 9.52 6.38 46.22
N TYR A 1002 8.44 6.67 45.49
CA TYR A 1002 7.13 6.70 46.15
C TYR A 1002 6.71 5.31 46.62
N GLY A 1003 7.06 4.27 45.87
CA GLY A 1003 6.73 2.93 46.30
C GLY A 1003 7.49 2.52 47.55
N GLY A 1004 8.75 2.93 47.66
CA GLY A 1004 9.49 2.71 48.89
C GLY A 1004 8.87 3.44 50.06
N TYR A 1005 8.44 4.69 49.83
CA TYR A 1005 7.72 5.42 50.87
C TYR A 1005 6.48 4.65 51.31
N LEU A 1006 5.70 4.17 50.34
CA LEU A 1006 4.49 3.42 50.66
C LEU A 1006 4.81 2.15 51.44
N ILE A 1007 5.82 1.41 51.00
CA ILE A 1007 6.19 0.17 51.69
C ILE A 1007 6.61 0.46 53.12
N SER A 1008 7.41 1.50 53.33
CA SER A 1008 7.84 1.85 54.67
C SER A 1008 6.67 2.30 55.53
N ASN A 1009 5.64 2.88 54.92
CA ASN A 1009 4.50 3.41 55.68
C ASN A 1009 3.26 2.54 55.57
N GLU A 1010 2.81 2.23 54.36
CA GLU A 1010 1.59 1.48 54.15
C GLU A 1010 1.92 0.00 53.93
N GLY A 1011 1.12 -0.86 54.55
CA GLY A 1011 1.39 -2.29 54.51
C GLY A 1011 1.06 -2.94 53.18
N LEU A 1012 1.82 -2.61 52.13
CA LEU A 1012 1.65 -3.21 50.82
C LEU A 1012 2.93 -3.91 50.41
N HIS A 1013 2.78 -4.99 49.66
CA HIS A 1013 3.93 -5.77 49.22
C HIS A 1013 4.72 -5.00 48.17
N PHE A 1014 6.01 -5.35 48.07
CA PHE A 1014 6.83 -4.85 46.97
C PHE A 1014 6.36 -5.41 45.63
N SER A 1015 5.80 -6.63 45.65
CA SER A 1015 5.29 -7.22 44.42
C SER A 1015 4.21 -6.35 43.81
N TYR A 1016 3.37 -5.74 44.64
CA TYR A 1016 2.35 -4.83 44.12
C TYR A 1016 2.99 -3.62 43.45
N VAL A 1017 4.07 -3.09 44.03
CA VAL A 1017 4.77 -1.97 43.43
C VAL A 1017 5.31 -2.35 42.06
N PHE A 1018 5.98 -3.49 41.98
CA PHE A 1018 6.49 -3.95 40.69
C PHE A 1018 5.36 -4.15 39.69
N ARG A 1019 4.27 -4.78 40.14
CA ARG A 1019 3.12 -5.02 39.26
C ARG A 1019 2.59 -3.72 38.69
N VAL A 1020 2.31 -2.75 39.55
CA VAL A 1020 1.71 -1.49 39.10
C VAL A 1020 2.64 -0.78 38.14
N ILE A 1021 3.90 -0.62 38.53
CA ILE A 1021 4.83 0.16 37.71
C ILE A 1021 5.04 -0.50 36.36
N SER A 1022 5.30 -1.81 36.36
CA SER A 1022 5.55 -2.51 35.10
C SER A 1022 4.33 -2.50 34.21
N ALA A 1023 3.15 -2.75 34.78
CA ALA A 1023 1.93 -2.76 33.97
C ALA A 1023 1.68 -1.40 33.33
N VAL A 1024 1.82 -0.33 34.10
CA VAL A 1024 1.56 1.00 33.55
C VAL A 1024 2.59 1.35 32.49
N VAL A 1025 3.86 1.02 32.71
CA VAL A 1025 4.89 1.34 31.73
C VAL A 1025 4.65 0.58 30.43
N LEU A 1026 4.34 -0.72 30.54
CA LEU A 1026 4.11 -1.52 29.34
C LEU A 1026 2.88 -1.03 28.59
N SER A 1027 1.81 -0.68 29.31
CA SER A 1027 0.62 -0.16 28.65
C SER A 1027 0.92 1.16 27.96
N ALA A 1028 1.72 2.02 28.59
CA ALA A 1028 2.09 3.28 27.96
C ALA A 1028 2.87 3.03 26.68
N THR A 1029 3.81 2.08 26.71
CA THR A 1029 4.56 1.77 25.49
C THR A 1029 3.65 1.24 24.40
N ALA A 1030 2.70 0.36 24.76
CA ALA A 1030 1.77 -0.17 23.76
C ALA A 1030 0.90 0.92 23.16
N LEU A 1031 0.38 1.81 24.01
CA LEU A 1031 -0.45 2.91 23.51
C LEU A 1031 0.35 3.85 22.61
N GLY A 1032 1.60 4.13 22.99
CA GLY A 1032 2.45 4.96 22.15
C GLY A 1032 2.72 4.32 20.81
N ARG A 1033 2.92 3.01 20.79
CA ARG A 1033 3.05 2.29 19.52
C ARG A 1033 1.76 2.36 18.73
N ALA A 1034 0.61 2.41 19.40
CA ALA A 1034 -0.67 2.45 18.72
C ALA A 1034 -0.84 3.73 17.92
N PHE A 1035 -0.57 4.89 18.50
CA PHE A 1035 -0.85 6.14 17.78
C PHE A 1035 0.06 6.32 16.57
N SER A 1036 1.12 5.52 16.42
CA SER A 1036 1.95 5.59 15.23
C SER A 1036 1.31 4.84 14.06
N TYR A 1037 0.06 5.19 13.76
CA TYR A 1037 -0.69 4.53 12.70
C TYR A 1037 -0.82 5.36 11.43
N THR A 1038 -0.38 6.62 11.47
CA THR A 1038 -0.60 7.51 10.33
C THR A 1038 0.01 7.03 9.00
N PRO A 1039 1.22 6.46 8.93
CA PRO A 1039 1.81 6.20 7.60
C PRO A 1039 0.97 5.31 6.71
N SER A 1040 0.16 4.42 7.29
CA SER A 1040 -0.78 3.61 6.53
C SER A 1040 -2.20 4.13 6.60
N TYR A 1041 -2.63 4.67 7.74
CA TYR A 1041 -4.00 5.12 7.90
C TYR A 1041 -4.31 6.31 6.99
N ALA A 1042 -3.39 7.28 6.92
CA ALA A 1042 -3.63 8.44 6.06
C ALA A 1042 -3.70 8.04 4.60
N LYS A 1043 -2.77 7.16 4.16
CA LYS A 1043 -2.78 6.70 2.78
C LYS A 1043 -4.05 5.93 2.47
N ALA A 1044 -4.50 5.09 3.40
CA ALA A 1044 -5.73 4.34 3.19
C ALA A 1044 -6.94 5.25 3.13
N LYS A 1045 -6.97 6.29 3.97
CA LYS A 1045 -8.09 7.22 3.91
C LYS A 1045 -8.10 8.00 2.59
N ILE A 1046 -6.93 8.38 2.09
CA ILE A 1046 -6.85 9.02 0.79
C ILE A 1046 -7.37 8.09 -0.29
N SER A 1047 -6.96 6.81 -0.22
CA SER A 1047 -7.42 5.83 -1.21
C SER A 1047 -8.94 5.68 -1.17
N ALA A 1048 -9.50 5.58 0.04
CA ALA A 1048 -10.94 5.45 0.18
C ALA A 1048 -11.67 6.68 -0.35
N ALA A 1049 -11.12 7.87 -0.08
CA ALA A 1049 -11.74 9.09 -0.58
C ALA A 1049 -11.74 9.12 -2.11
N ARG A 1050 -10.61 8.75 -2.72
CA ARG A 1050 -10.56 8.71 -4.18
C ARG A 1050 -11.54 7.70 -4.74
N PHE A 1051 -11.61 6.55 -4.13
CA PHE A 1051 -12.58 5.60 -4.68
C PHE A 1051 -13.93 6.24 -4.57
N PHE A 1052 -14.35 6.55 -3.37
CA PHE A 1052 -15.72 7.04 -3.20
C PHE A 1052 -16.03 8.17 -4.16
N GLN A 1053 -15.06 9.05 -4.42
CA GLN A 1053 -15.27 10.11 -5.40
C GLN A 1053 -15.53 9.51 -6.78
N LEU A 1054 -14.76 8.50 -7.17
CA LEU A 1054 -15.01 7.84 -8.44
C LEU A 1054 -16.37 7.17 -8.47
N LEU A 1055 -16.74 6.49 -7.38
CA LEU A 1055 -17.99 5.74 -7.35
C LEU A 1055 -19.20 6.67 -7.33
N ASP A 1056 -19.09 7.79 -6.62
CA ASP A 1056 -20.21 8.71 -6.45
C ASP A 1056 -20.30 9.76 -7.56
N ARG A 1057 -19.77 9.46 -8.74
CA ARG A 1057 -19.78 10.40 -9.85
C ARG A 1057 -20.98 10.14 -10.74
N GLN A 1058 -21.67 11.21 -11.14
CA GLN A 1058 -22.76 11.13 -12.10
C GLN A 1058 -22.30 11.70 -13.43
N PRO A 1059 -22.06 10.88 -14.44
CA PRO A 1059 -21.54 11.39 -15.71
C PRO A 1059 -22.64 12.00 -16.56
N PRO A 1060 -22.30 12.91 -17.48
CA PRO A 1060 -23.33 13.46 -18.36
C PRO A 1060 -24.04 12.40 -19.20
N ILE A 1061 -23.31 11.40 -19.66
CA ILE A 1061 -23.85 10.30 -20.43
C ILE A 1061 -23.67 9.03 -19.62
N SER A 1062 -24.77 8.49 -19.09
CA SER A 1062 -24.73 7.34 -18.20
C SER A 1062 -25.27 6.13 -18.95
N VAL A 1063 -24.38 5.17 -19.22
CA VAL A 1063 -24.81 3.93 -19.86
C VAL A 1063 -25.73 3.14 -18.94
N TYR A 1064 -25.53 3.25 -17.63
CA TYR A 1064 -26.37 2.54 -16.68
C TYR A 1064 -27.71 3.23 -16.44
N ASN A 1065 -27.92 4.41 -17.00
CA ASN A 1065 -29.20 5.11 -16.90
C ASN A 1065 -30.18 4.58 -17.93
N THR A 1066 -31.45 4.55 -17.55
CA THR A 1066 -32.52 4.08 -18.43
C THR A 1066 -33.41 5.23 -18.91
N ALA A 1067 -32.82 6.38 -19.19
CA ALA A 1067 -33.56 7.56 -19.63
C ALA A 1067 -33.45 7.72 -21.14
N GLY A 1068 -34.59 7.86 -21.80
CA GLY A 1068 -34.63 8.02 -23.24
C GLY A 1068 -36.00 7.68 -23.76
N GLU A 1069 -36.19 7.98 -25.06
CA GLU A 1069 -37.47 7.66 -25.72
C GLU A 1069 -37.21 7.37 -27.19
N LYS A 1070 -37.01 6.09 -27.52
CA LYS A 1070 -37.11 5.63 -28.91
C LYS A 1070 -37.28 4.12 -28.87
N TRP A 1071 -38.38 3.66 -29.47
CA TRP A 1071 -38.65 2.22 -29.29
C TRP A 1071 -39.23 1.53 -30.52
N ASP A 1072 -40.05 2.22 -31.31
CA ASP A 1072 -40.73 1.49 -32.37
C ASP A 1072 -40.09 1.72 -33.73
N ASN A 1073 -39.79 0.62 -34.43
CA ASN A 1073 -39.38 0.62 -35.83
C ASN A 1073 -38.19 1.55 -36.07
N PHE A 1074 -37.06 1.17 -35.47
CA PHE A 1074 -35.83 1.93 -35.68
C PHE A 1074 -35.39 1.81 -37.14
N GLN A 1075 -35.08 2.95 -37.75
CA GLN A 1075 -34.65 2.97 -39.15
C GLN A 1075 -33.43 3.84 -39.40
N GLY A 1076 -33.03 4.68 -38.46
CA GLY A 1076 -31.82 5.47 -38.61
C GLY A 1076 -31.95 6.65 -39.55
N LYS A 1077 -32.85 7.58 -39.21
CA LYS A 1077 -32.99 8.82 -39.97
C LYS A 1077 -32.14 9.91 -39.30
N ILE A 1078 -30.83 9.69 -39.36
CA ILE A 1078 -29.89 10.59 -38.70
C ILE A 1078 -29.91 11.95 -39.36
N ASP A 1079 -29.81 13.00 -38.55
CA ASP A 1079 -29.83 14.36 -39.05
C ASP A 1079 -28.83 15.21 -38.27
N PHE A 1080 -28.12 16.09 -38.97
CA PHE A 1080 -27.18 17.01 -38.35
C PHE A 1080 -27.67 18.44 -38.57
N VAL A 1081 -27.73 19.22 -37.49
CA VAL A 1081 -28.14 20.62 -37.55
C VAL A 1081 -27.13 21.44 -36.76
N ASP A 1082 -26.29 22.20 -37.47
CA ASP A 1082 -25.40 23.23 -36.91
C ASP A 1082 -24.65 22.74 -35.67
N CYS A 1083 -24.30 21.45 -35.68
CA CYS A 1083 -23.63 20.86 -34.52
C CYS A 1083 -22.27 21.50 -34.29
N LYS A 1084 -22.05 21.98 -33.09
CA LYS A 1084 -20.79 22.60 -32.68
C LYS A 1084 -20.11 21.74 -31.64
N PHE A 1085 -18.84 21.43 -31.87
CA PHE A 1085 -18.06 20.59 -30.98
C PHE A 1085 -16.77 21.29 -30.57
N THR A 1086 -16.48 21.27 -29.27
CA THR A 1086 -15.27 21.87 -28.74
C THR A 1086 -14.15 20.87 -28.51
N TYR A 1087 -14.46 19.58 -28.43
CA TYR A 1087 -13.47 18.52 -28.20
C TYR A 1087 -12.71 18.78 -26.91
N PRO A 1088 -13.34 18.58 -25.75
CA PRO A 1088 -12.71 19.00 -24.48
C PRO A 1088 -11.37 18.36 -24.20
N SER A 1089 -11.03 17.25 -24.85
CA SER A 1089 -9.71 16.64 -24.65
C SER A 1089 -8.60 17.59 -25.08
N ARG A 1090 -8.78 18.26 -26.22
CA ARG A 1090 -7.78 19.19 -26.74
C ARG A 1090 -8.50 20.29 -27.52
N PRO A 1091 -8.37 21.55 -27.12
CA PRO A 1091 -9.03 22.66 -27.83
C PRO A 1091 -8.26 23.08 -29.08
N ASP A 1092 -8.18 22.17 -30.04
CA ASP A 1092 -7.48 22.46 -31.30
C ASP A 1092 -8.44 22.96 -32.37
N SER A 1093 -9.59 22.32 -32.50
CA SER A 1093 -10.57 22.63 -33.53
C SER A 1093 -11.94 22.88 -32.91
N GLN A 1094 -11.98 23.77 -31.92
CA GLN A 1094 -13.23 24.05 -31.22
C GLN A 1094 -14.32 24.56 -32.15
N VAL A 1095 -13.96 25.09 -33.32
CA VAL A 1095 -14.93 25.46 -34.35
C VAL A 1095 -15.13 24.20 -35.21
N LEU A 1096 -16.00 23.31 -34.73
CA LEU A 1096 -16.34 22.07 -35.42
C LEU A 1096 -17.80 22.15 -35.83
N ASN A 1097 -18.06 22.76 -36.98
CA ASN A 1097 -19.43 22.97 -37.44
C ASN A 1097 -19.47 22.80 -38.95
N GLY A 1098 -20.57 23.20 -39.55
CA GLY A 1098 -20.78 23.04 -40.98
C GLY A 1098 -21.39 21.72 -41.40
N LEU A 1099 -21.59 20.79 -40.46
CA LEU A 1099 -22.15 19.48 -40.79
C LEU A 1099 -23.68 19.56 -40.69
N SER A 1100 -24.36 19.46 -41.82
CA SER A 1100 -25.81 19.54 -41.87
C SER A 1100 -26.41 18.41 -42.72
N VAL A 1101 -25.76 17.25 -42.76
CA VAL A 1101 -26.22 16.16 -43.61
C VAL A 1101 -27.42 15.47 -42.98
N SER A 1102 -28.18 14.77 -43.82
CA SER A 1102 -29.32 13.98 -43.39
C SER A 1102 -29.63 12.95 -44.46
N ILE A 1103 -29.70 11.68 -44.07
CA ILE A 1103 -29.89 10.59 -45.01
C ILE A 1103 -31.07 9.74 -44.59
N SER A 1104 -31.85 9.32 -45.58
CA SER A 1104 -32.97 8.43 -45.35
C SER A 1104 -32.49 7.03 -45.01
N PRO A 1105 -33.34 6.21 -44.40
CA PRO A 1105 -32.94 4.82 -44.10
C PRO A 1105 -32.52 4.08 -45.37
N GLY A 1106 -31.49 3.25 -45.23
CA GLY A 1106 -30.97 2.50 -46.36
C GLY A 1106 -30.03 3.26 -47.25
N GLN A 1107 -29.50 4.40 -46.80
CA GLN A 1107 -28.64 5.24 -47.61
C GLN A 1107 -27.22 5.22 -47.06
N THR A 1108 -26.25 5.06 -47.94
CA THR A 1108 -24.85 5.19 -47.58
C THR A 1108 -24.47 6.66 -47.43
N LEU A 1109 -23.48 6.93 -46.58
CA LEU A 1109 -23.03 8.30 -46.32
C LEU A 1109 -21.54 8.24 -46.03
N ALA A 1110 -20.72 8.71 -46.98
CA ALA A 1110 -19.27 8.69 -46.83
C ALA A 1110 -18.79 10.07 -46.37
N PHE A 1111 -18.03 10.09 -45.28
CA PHE A 1111 -17.43 11.32 -44.76
C PHE A 1111 -15.97 11.36 -45.15
N VAL A 1112 -15.65 12.18 -46.16
CA VAL A 1112 -14.28 12.33 -46.63
C VAL A 1112 -13.90 13.81 -46.52
N GLY A 1113 -12.78 14.08 -45.85
CA GLY A 1113 -12.31 15.43 -45.65
C GLY A 1113 -10.82 15.49 -45.41
N SER A 1114 -10.39 16.30 -44.45
CA SER A 1114 -8.99 16.41 -44.10
C SER A 1114 -8.55 15.19 -43.29
N SER A 1115 -7.27 15.12 -42.96
CA SER A 1115 -6.73 13.96 -42.24
C SER A 1115 -7.13 13.95 -40.77
N GLY A 1116 -7.60 15.07 -40.22
CA GLY A 1116 -7.95 15.12 -38.82
C GLY A 1116 -9.08 16.07 -38.56
N CYS A 1117 -9.83 15.79 -37.49
CA CYS A 1117 -10.93 16.60 -37.00
C CYS A 1117 -12.04 16.76 -38.04
N GLY A 1118 -12.13 15.83 -39.00
CA GLY A 1118 -13.22 15.83 -39.95
C GLY A 1118 -13.63 14.42 -40.32
N LYS A 1119 -13.10 13.43 -39.60
CA LYS A 1119 -13.31 12.03 -39.92
C LYS A 1119 -14.03 11.26 -38.83
N SER A 1120 -13.56 11.33 -37.58
CA SER A 1120 -14.02 10.42 -36.54
C SER A 1120 -14.95 11.05 -35.52
N THR A 1121 -15.19 12.36 -35.58
CA THR A 1121 -16.03 13.00 -34.57
C THR A 1121 -17.49 12.54 -34.69
N SER A 1122 -18.02 12.53 -35.91
CA SER A 1122 -19.40 12.09 -36.11
C SER A 1122 -19.59 10.65 -35.64
N ILE A 1123 -18.52 9.86 -35.68
CA ILE A 1123 -18.58 8.51 -35.12
C ILE A 1123 -18.91 8.57 -33.63
N GLN A 1124 -18.22 9.46 -32.90
CA GLN A 1124 -18.49 9.60 -31.47
C GLN A 1124 -19.90 10.14 -31.23
N LEU A 1125 -20.32 11.14 -32.02
CA LEU A 1125 -21.67 11.69 -31.82
C LEU A 1125 -22.74 10.63 -32.06
N LEU A 1126 -22.59 9.82 -33.10
CA LEU A 1126 -23.56 8.75 -33.36
C LEU A 1126 -23.54 7.71 -32.25
N GLU A 1127 -22.34 7.34 -31.78
CA GLU A 1127 -22.21 6.39 -30.68
C GLU A 1127 -22.54 7.03 -29.33
N ARG A 1128 -22.76 8.34 -29.29
CA ARG A 1128 -22.97 9.07 -28.04
C ARG A 1128 -21.78 8.91 -27.09
N PHE A 1129 -20.59 8.77 -27.65
CA PHE A 1129 -19.38 8.83 -26.82
C PHE A 1129 -19.25 10.20 -26.18
N TYR A 1130 -19.54 11.25 -26.94
CA TYR A 1130 -19.62 12.61 -26.41
C TYR A 1130 -20.95 13.21 -26.85
N ASP A 1131 -21.59 13.94 -25.95
CA ASP A 1131 -22.81 14.63 -26.31
C ASP A 1131 -22.49 15.94 -27.02
N PRO A 1132 -23.37 16.39 -27.92
CA PRO A 1132 -23.13 17.68 -28.58
C PRO A 1132 -23.22 18.83 -27.60
N ASP A 1133 -22.45 19.89 -27.86
CA ASP A 1133 -22.41 21.05 -26.98
C ASP A 1133 -23.39 22.14 -27.42
N GLN A 1134 -23.23 22.62 -28.66
CA GLN A 1134 -24.07 23.68 -29.21
C GLN A 1134 -24.70 23.24 -30.51
N GLY A 1135 -25.18 22.00 -30.52
CA GLY A 1135 -25.84 21.45 -31.70
C GLY A 1135 -26.71 20.29 -31.30
N LYS A 1136 -27.43 19.76 -32.28
CA LYS A 1136 -28.34 18.65 -32.05
C LYS A 1136 -28.14 17.59 -33.11
N VAL A 1137 -28.09 16.33 -32.67
CA VAL A 1137 -28.04 15.17 -33.55
C VAL A 1137 -29.41 14.52 -33.49
N MET A 1138 -30.12 14.53 -34.62
CA MET A 1138 -31.55 14.20 -34.65
C MET A 1138 -31.65 12.80 -35.26
N ILE A 1139 -31.55 11.80 -34.38
CA ILE A 1139 -31.44 10.41 -34.84
C ILE A 1139 -32.73 9.94 -35.46
N ASP A 1140 -33.85 10.28 -34.87
CA ASP A 1140 -35.17 9.77 -35.27
C ASP A 1140 -36.17 10.87 -34.96
N GLY A 1141 -37.44 10.50 -34.80
CA GLY A 1141 -38.42 11.43 -34.27
C GLY A 1141 -38.01 12.08 -32.96
N HIS A 1142 -36.98 11.53 -32.33
CA HIS A 1142 -36.43 12.02 -31.07
C HIS A 1142 -34.94 12.31 -31.22
N ASP A 1143 -34.43 13.20 -30.37
CA ASP A 1143 -33.06 13.66 -30.47
C ASP A 1143 -32.10 12.74 -29.72
N SER A 1144 -30.81 12.95 -29.97
CA SER A 1144 -29.78 12.09 -29.37
C SER A 1144 -29.71 12.26 -27.85
N LYS A 1145 -29.83 13.49 -27.36
CA LYS A 1145 -29.66 13.74 -25.94
C LYS A 1145 -30.78 13.13 -25.09
N LYS A 1146 -31.88 12.69 -25.70
CA LYS A 1146 -33.02 12.17 -24.95
C LYS A 1146 -33.42 10.77 -25.43
N VAL A 1147 -32.46 9.97 -25.88
CA VAL A 1147 -32.71 8.59 -26.26
C VAL A 1147 -31.75 7.69 -25.49
N ASN A 1148 -32.26 6.57 -25.00
CA ASN A 1148 -31.45 5.67 -24.18
C ASN A 1148 -30.19 5.24 -24.90
N VAL A 1149 -29.06 5.32 -24.20
CA VAL A 1149 -27.78 5.01 -24.81
C VAL A 1149 -27.68 3.51 -25.10
N GLN A 1150 -28.22 2.67 -24.21
CA GLN A 1150 -28.17 1.23 -24.44
C GLN A 1150 -28.93 0.86 -25.70
N PHE A 1151 -30.15 1.38 -25.85
CA PHE A 1151 -30.95 1.10 -27.05
C PHE A 1151 -30.25 1.63 -28.29
N LEU A 1152 -29.72 2.85 -28.22
CA LEU A 1152 -29.07 3.43 -29.39
C LEU A 1152 -27.87 2.61 -29.82
N ARG A 1153 -26.95 2.33 -28.90
CA ARG A 1153 -25.78 1.52 -29.24
C ARG A 1153 -26.17 0.13 -29.70
N SER A 1154 -27.30 -0.40 -29.21
CA SER A 1154 -27.73 -1.73 -29.62
C SER A 1154 -28.04 -1.80 -31.11
N ASN A 1155 -28.49 -0.70 -31.71
CA ASN A 1155 -28.90 -0.68 -33.10
C ASN A 1155 -27.79 -0.33 -34.07
N ILE A 1156 -26.62 0.06 -33.57
CA ILE A 1156 -25.52 0.50 -34.43
C ILE A 1156 -24.41 -0.55 -34.40
N GLY A 1157 -23.95 -0.94 -35.58
CA GLY A 1157 -22.77 -1.79 -35.70
C GLY A 1157 -21.52 -0.95 -35.93
N ILE A 1158 -20.47 -1.22 -35.15
CA ILE A 1158 -19.26 -0.41 -35.16
C ILE A 1158 -18.10 -1.28 -35.61
N VAL A 1159 -17.31 -0.76 -36.55
CA VAL A 1159 -16.07 -1.39 -36.98
C VAL A 1159 -14.96 -0.37 -36.84
N SER A 1160 -14.11 -0.55 -35.83
CA SER A 1160 -13.10 0.44 -35.50
C SER A 1160 -11.96 0.43 -36.52
N GLN A 1161 -11.08 1.42 -36.40
CA GLN A 1161 -9.93 1.52 -37.29
C GLN A 1161 -9.03 0.31 -37.15
N GLU A 1162 -8.63 -0.01 -35.92
CA GLU A 1162 -7.89 -1.23 -35.64
C GLU A 1162 -8.82 -2.25 -35.02
N PRO A 1163 -8.78 -3.50 -35.44
CA PRO A 1163 -9.69 -4.49 -34.85
C PRO A 1163 -9.18 -5.02 -33.52
N VAL A 1164 -9.81 -4.59 -32.43
CA VAL A 1164 -9.47 -5.09 -31.11
C VAL A 1164 -10.37 -6.28 -30.80
N LEU A 1165 -9.75 -7.42 -30.51
CA LEU A 1165 -10.47 -8.66 -30.30
C LEU A 1165 -10.07 -9.23 -28.93
N PHE A 1166 -11.05 -9.76 -28.22
CA PHE A 1166 -10.76 -10.37 -26.93
C PHE A 1166 -10.04 -11.70 -27.13
N ALA A 1167 -9.28 -12.10 -26.12
CA ALA A 1167 -8.48 -13.31 -26.16
C ALA A 1167 -9.23 -14.54 -25.65
N CYS A 1168 -10.56 -14.52 -25.66
CA CYS A 1168 -11.31 -15.64 -25.10
C CYS A 1168 -11.45 -16.77 -26.11
N SER A 1169 -12.13 -16.51 -27.24
CA SER A 1169 -12.37 -17.52 -28.27
C SER A 1169 -12.99 -16.83 -29.47
N ILE A 1170 -13.06 -17.55 -30.59
CA ILE A 1170 -13.70 -17.02 -31.79
C ILE A 1170 -15.19 -16.83 -31.54
N MET A 1171 -15.83 -17.81 -30.91
CA MET A 1171 -17.23 -17.65 -30.54
C MET A 1171 -17.42 -16.47 -29.58
N ASP A 1172 -16.54 -16.36 -28.60
CA ASP A 1172 -16.57 -15.22 -27.69
C ASP A 1172 -16.20 -13.91 -28.40
N ASN A 1173 -15.66 -13.99 -29.61
CA ASN A 1173 -15.34 -12.80 -30.39
C ASN A 1173 -16.26 -12.61 -31.59
N ILE A 1174 -17.28 -13.44 -31.75
CA ILE A 1174 -18.28 -13.27 -32.79
C ILE A 1174 -19.67 -13.07 -32.20
N LYS A 1175 -20.04 -13.89 -31.22
CA LYS A 1175 -21.30 -13.70 -30.52
C LYS A 1175 -21.21 -12.56 -29.50
N TYR A 1176 -20.04 -11.96 -29.32
CA TYR A 1176 -19.91 -10.81 -28.44
C TYR A 1176 -20.69 -9.61 -28.94
N GLY A 1177 -20.96 -9.53 -30.25
CA GLY A 1177 -21.72 -8.41 -30.77
C GLY A 1177 -23.09 -8.29 -30.12
N ASP A 1178 -23.81 -9.41 -30.03
CA ASP A 1178 -25.03 -9.47 -29.24
C ASP A 1178 -24.71 -10.17 -27.91
N ASN A 1179 -24.09 -9.41 -27.01
CA ASN A 1179 -23.65 -9.96 -25.73
C ASN A 1179 -24.82 -10.42 -24.87
N THR A 1180 -26.03 -9.98 -25.19
CA THR A 1180 -27.21 -10.40 -24.45
C THR A 1180 -27.62 -11.81 -24.87
N LYS A 1181 -28.80 -12.24 -24.45
CA LYS A 1181 -29.27 -13.59 -24.71
C LYS A 1181 -29.78 -13.71 -26.14
N GLU A 1182 -30.48 -14.81 -26.43
CA GLU A 1182 -31.02 -15.10 -27.76
C GLU A 1182 -29.90 -15.17 -28.81
N ILE A 1183 -28.79 -15.78 -28.42
CA ILE A 1183 -27.68 -16.00 -29.34
C ILE A 1183 -27.49 -17.51 -29.51
N PRO A 1184 -27.96 -18.08 -30.66
CA PRO A 1184 -27.85 -19.51 -30.95
C PRO A 1184 -26.58 -19.86 -31.72
N MET A 1185 -26.23 -21.16 -31.83
CA MET A 1185 -25.01 -21.38 -32.63
C MET A 1185 -25.38 -21.03 -34.07
N GLU A 1186 -26.66 -21.16 -34.44
CA GLU A 1186 -27.00 -20.61 -35.73
C GLU A 1186 -26.89 -19.09 -35.69
N ARG A 1187 -27.03 -18.47 -36.86
CA ARG A 1187 -26.91 -17.03 -37.07
C ARG A 1187 -25.45 -16.61 -36.95
N VAL A 1188 -24.60 -17.55 -36.55
CA VAL A 1188 -23.15 -17.35 -36.56
C VAL A 1188 -22.52 -17.93 -37.82
N ILE A 1189 -23.03 -19.06 -38.30
CA ILE A 1189 -22.58 -19.61 -39.57
C ILE A 1189 -22.91 -18.65 -40.70
N ALA A 1190 -24.12 -18.06 -40.67
CA ALA A 1190 -24.49 -17.10 -41.71
C ALA A 1190 -23.62 -15.86 -41.65
N ALA A 1191 -23.33 -15.36 -40.45
CA ALA A 1191 -22.47 -14.20 -40.32
C ALA A 1191 -21.05 -14.49 -40.80
N ALA A 1192 -20.53 -15.67 -40.46
CA ALA A 1192 -19.18 -16.04 -40.92
C ALA A 1192 -19.14 -16.14 -42.43
N LYS A 1193 -20.17 -16.73 -43.04
CA LYS A 1193 -20.24 -16.78 -44.50
C LYS A 1193 -20.32 -15.39 -45.10
N GLN A 1194 -21.12 -14.51 -44.50
CA GLN A 1194 -21.26 -13.16 -45.03
C GLN A 1194 -20.00 -12.33 -44.80
N ALA A 1195 -19.23 -12.67 -43.77
CA ALA A 1195 -17.99 -11.97 -43.47
C ALA A 1195 -16.80 -12.55 -44.24
N GLN A 1196 -17.03 -13.51 -45.12
CA GLN A 1196 -15.97 -14.16 -45.91
C GLN A 1196 -14.91 -14.77 -45.00
N LEU A 1197 -15.37 -15.48 -43.97
CA LEU A 1197 -14.49 -16.11 -43.00
C LEU A 1197 -14.84 -17.57 -42.71
N HIS A 1198 -15.99 -18.06 -43.17
CA HIS A 1198 -16.39 -19.43 -42.83
C HIS A 1198 -15.40 -20.46 -43.36
N ASP A 1199 -14.89 -20.26 -44.58
CA ASP A 1199 -13.91 -21.21 -45.11
C ASP A 1199 -12.66 -21.22 -44.24
N PHE A 1200 -12.16 -20.03 -43.86
CA PHE A 1200 -10.95 -19.97 -43.05
C PHE A 1200 -11.19 -20.57 -41.67
N VAL A 1201 -12.29 -20.19 -41.02
CA VAL A 1201 -12.58 -20.74 -39.70
C VAL A 1201 -12.82 -22.25 -39.77
N MET A 1202 -13.25 -22.76 -40.92
CA MET A 1202 -13.43 -24.19 -41.10
C MET A 1202 -12.09 -24.89 -41.32
N SER A 1203 -11.11 -24.19 -41.90
CA SER A 1203 -9.82 -24.82 -42.18
C SER A 1203 -9.09 -25.23 -40.90
N LEU A 1204 -9.24 -24.45 -39.82
CA LEU A 1204 -8.49 -24.73 -38.61
C LEU A 1204 -8.90 -26.07 -38.00
N PRO A 1205 -7.96 -26.77 -37.35
CA PRO A 1205 -8.32 -28.00 -36.63
C PRO A 1205 -9.25 -27.69 -35.47
N GLU A 1206 -8.91 -26.69 -34.67
CA GLU A 1206 -9.82 -26.11 -33.69
C GLU A 1206 -10.77 -25.20 -34.47
N LYS A 1207 -11.83 -25.81 -35.00
CA LYS A 1207 -12.64 -25.15 -36.02
C LYS A 1207 -13.29 -23.89 -35.49
N TYR A 1208 -14.00 -23.97 -34.38
CA TYR A 1208 -14.71 -22.83 -33.83
C TYR A 1208 -14.23 -22.43 -32.44
N GLU A 1209 -13.63 -23.34 -31.68
CA GLU A 1209 -13.18 -23.06 -30.33
C GLU A 1209 -11.75 -22.54 -30.28
N THR A 1210 -11.27 -21.96 -31.38
CA THR A 1210 -9.91 -21.44 -31.42
C THR A 1210 -9.74 -20.32 -30.40
N ASN A 1211 -8.59 -20.31 -29.73
CA ASN A 1211 -8.27 -19.24 -28.81
C ASN A 1211 -7.51 -18.13 -29.52
N VAL A 1212 -7.88 -16.90 -29.22
CA VAL A 1212 -7.28 -15.72 -29.84
C VAL A 1212 -6.19 -15.17 -28.93
N GLY A 1213 -5.13 -14.65 -29.55
CA GLY A 1213 -4.01 -14.08 -28.82
C GLY A 1213 -2.70 -14.76 -29.20
N SER A 1214 -1.77 -14.76 -28.24
CA SER A 1214 -0.48 -15.42 -28.45
C SER A 1214 -0.59 -16.93 -28.49
N GLN A 1215 -1.73 -17.49 -28.11
CA GLN A 1215 -1.95 -18.93 -28.15
C GLN A 1215 -2.49 -19.42 -29.47
N GLY A 1216 -2.62 -18.53 -30.47
CA GLY A 1216 -3.14 -18.91 -31.78
C GLY A 1216 -2.41 -18.17 -32.88
N SER A 1217 -2.85 -18.44 -34.11
CA SER A 1217 -2.26 -17.85 -35.31
C SER A 1217 -3.35 -17.07 -36.04
N GLN A 1218 -3.51 -15.80 -35.67
CA GLN A 1218 -4.50 -14.92 -36.29
C GLN A 1218 -3.96 -13.52 -36.50
N LEU A 1219 -2.64 -13.35 -36.37
CA LEU A 1219 -2.03 -12.01 -36.33
C LEU A 1219 -2.26 -11.21 -37.61
N SER A 1220 -2.59 -11.86 -38.73
CA SER A 1220 -2.84 -11.14 -39.95
C SER A 1220 -4.06 -10.25 -39.79
N ARG A 1221 -3.96 -9.00 -40.27
CA ARG A 1221 -5.05 -8.04 -40.12
C ARG A 1221 -6.29 -8.50 -40.87
N GLY A 1222 -6.12 -9.05 -42.06
CA GLY A 1222 -7.23 -9.45 -42.90
C GLY A 1222 -8.09 -10.58 -42.36
N GLU A 1223 -7.80 -11.07 -41.16
CA GLU A 1223 -8.59 -12.10 -40.52
C GLU A 1223 -9.23 -11.60 -39.23
N LYS A 1224 -8.46 -10.94 -38.36
CA LYS A 1224 -9.07 -10.32 -37.19
C LYS A 1224 -10.04 -9.23 -37.58
N GLN A 1225 -9.78 -8.52 -38.68
CA GLN A 1225 -10.75 -7.56 -39.19
C GLN A 1225 -12.04 -8.25 -39.60
N ARG A 1226 -11.93 -9.42 -40.23
CA ARG A 1226 -13.13 -10.16 -40.62
C ARG A 1226 -13.91 -10.63 -39.39
N ILE A 1227 -13.20 -11.08 -38.34
CA ILE A 1227 -13.91 -11.45 -37.11
C ILE A 1227 -14.60 -10.23 -36.49
N ALA A 1228 -13.94 -9.07 -36.55
CA ALA A 1228 -14.58 -7.86 -36.03
C ALA A 1228 -15.83 -7.51 -36.83
N ILE A 1229 -15.76 -7.63 -38.15
CA ILE A 1229 -16.93 -7.36 -38.99
C ILE A 1229 -18.04 -8.34 -38.69
N ALA A 1230 -17.69 -9.61 -38.50
CA ALA A 1230 -18.69 -10.61 -38.12
C ALA A 1230 -19.34 -10.25 -36.80
N ARG A 1231 -18.53 -9.87 -35.81
CA ARG A 1231 -19.08 -9.45 -34.52
C ARG A 1231 -20.02 -8.28 -34.69
N ALA A 1232 -19.69 -7.36 -35.60
CA ALA A 1232 -20.55 -6.22 -35.86
C ALA A 1232 -21.86 -6.62 -36.53
N ILE A 1233 -21.85 -7.66 -37.35
CA ILE A 1233 -23.02 -7.98 -38.17
C ILE A 1233 -23.98 -8.96 -37.49
N VAL A 1234 -23.49 -9.84 -36.60
CA VAL A 1234 -24.40 -10.83 -36.00
C VAL A 1234 -25.57 -10.14 -35.28
N ARG A 1235 -25.35 -8.93 -34.77
CA ARG A 1235 -26.45 -8.24 -34.10
C ARG A 1235 -27.49 -7.71 -35.07
N ASP A 1236 -27.23 -7.78 -36.37
CA ASP A 1236 -28.12 -7.26 -37.42
C ASP A 1236 -28.44 -5.80 -37.14
N PRO A 1237 -27.45 -4.90 -37.22
CA PRO A 1237 -27.69 -3.50 -36.87
C PRO A 1237 -28.25 -2.70 -38.04
N LYS A 1238 -29.16 -1.78 -37.73
CA LYS A 1238 -29.73 -0.92 -38.76
C LYS A 1238 -28.72 0.11 -39.23
N ILE A 1239 -27.80 0.51 -38.35
CA ILE A 1239 -26.78 1.50 -38.67
C ILE A 1239 -25.41 0.86 -38.59
N LEU A 1240 -24.58 1.13 -39.59
CA LEU A 1240 -23.19 0.68 -39.61
C LEU A 1240 -22.28 1.89 -39.47
N LEU A 1241 -21.14 1.70 -38.82
CA LEU A 1241 -20.25 2.81 -38.47
C LEU A 1241 -18.81 2.49 -38.81
N LEU A 1242 -18.56 2.10 -40.06
CA LEU A 1242 -17.20 1.87 -40.52
C LEU A 1242 -16.32 3.07 -40.19
N ASP A 1243 -15.16 2.78 -39.60
CA ASP A 1243 -14.27 3.78 -39.01
C ASP A 1243 -12.88 3.65 -39.61
N GLU A 1244 -12.80 3.65 -40.94
CA GLU A 1244 -11.55 3.51 -41.68
C GLU A 1244 -10.95 2.13 -41.46
N ALA A 1245 -11.72 1.09 -41.79
CA ALA A 1245 -11.21 -0.27 -41.78
C ALA A 1245 -10.41 -0.51 -43.06
N THR A 1246 -10.09 -1.78 -43.33
CA THR A 1246 -9.32 -2.18 -44.51
C THR A 1246 -7.95 -1.51 -44.56
N SER A 1247 -7.39 -1.21 -43.39
CA SER A 1247 -6.06 -0.61 -43.30
C SER A 1247 -4.98 -1.68 -43.20
N ALA A 1248 -5.00 -2.62 -44.14
CA ALA A 1248 -4.03 -3.71 -44.20
C ALA A 1248 -3.10 -3.48 -45.38
N LEU A 1249 -1.80 -3.66 -45.15
CA LEU A 1249 -0.82 -3.43 -46.21
C LEU A 1249 -1.03 -4.39 -47.37
N ASP A 1250 -1.31 -5.66 -47.08
CA ASP A 1250 -1.52 -6.65 -48.13
C ASP A 1250 -2.87 -6.42 -48.79
N THR A 1251 -2.86 -6.12 -50.09
CA THR A 1251 -4.09 -5.93 -50.84
C THR A 1251 -4.90 -7.21 -50.94
N GLU A 1252 -4.25 -8.38 -50.84
CA GLU A 1252 -4.98 -9.64 -50.91
C GLU A 1252 -5.99 -9.76 -49.79
N SER A 1253 -5.60 -9.36 -48.57
CA SER A 1253 -6.55 -9.32 -47.47
C SER A 1253 -7.50 -8.12 -47.57
N GLU A 1254 -7.03 -7.04 -48.19
CA GLU A 1254 -7.86 -5.85 -48.34
C GLU A 1254 -9.08 -6.13 -49.20
N LYS A 1255 -8.90 -6.87 -50.30
CA LYS A 1255 -10.04 -7.19 -51.15
C LYS A 1255 -11.06 -8.03 -50.41
N THR A 1256 -10.59 -9.00 -49.60
CA THR A 1256 -11.50 -9.84 -48.85
C THR A 1256 -12.28 -9.04 -47.82
N VAL A 1257 -11.58 -8.18 -47.06
CA VAL A 1257 -12.29 -7.41 -46.05
C VAL A 1257 -13.25 -6.41 -46.69
N GLN A 1258 -12.88 -5.84 -47.85
CA GLN A 1258 -13.76 -4.86 -48.47
C GLN A 1258 -14.99 -5.53 -49.08
N VAL A 1259 -14.85 -6.72 -49.66
CA VAL A 1259 -16.03 -7.40 -50.17
C VAL A 1259 -16.91 -7.87 -49.00
N ALA A 1260 -16.30 -8.27 -47.89
CA ALA A 1260 -17.08 -8.62 -46.71
C ALA A 1260 -17.87 -7.41 -46.20
N LEU A 1261 -17.23 -6.24 -46.16
CA LEU A 1261 -17.93 -5.03 -45.74
C LEU A 1261 -19.05 -4.67 -46.70
N ASP A 1262 -18.81 -4.82 -48.01
CA ASP A 1262 -19.85 -4.53 -48.99
C ASP A 1262 -21.04 -5.45 -48.82
N LYS A 1263 -20.79 -6.74 -48.58
CA LYS A 1263 -21.88 -7.66 -48.27
C LYS A 1263 -22.48 -7.41 -46.91
N ALA A 1264 -21.80 -6.66 -46.04
CA ALA A 1264 -22.33 -6.33 -44.73
C ALA A 1264 -23.29 -5.16 -44.73
N ARG A 1265 -23.32 -4.36 -45.80
CA ARG A 1265 -24.21 -3.20 -45.85
C ARG A 1265 -25.63 -3.61 -46.23
N GLU A 1266 -25.80 -4.12 -47.45
CA GLU A 1266 -27.07 -4.66 -47.93
C GLU A 1266 -28.24 -3.69 -47.68
N GLY A 1267 -28.08 -2.47 -48.20
CA GLY A 1267 -29.14 -1.49 -48.12
C GLY A 1267 -29.48 -1.06 -46.71
N ARG A 1268 -28.48 -0.79 -45.89
CA ARG A 1268 -28.68 -0.32 -44.52
C ARG A 1268 -27.92 0.97 -44.32
N THR A 1269 -28.43 1.82 -43.43
CA THR A 1269 -27.80 3.10 -43.16
C THR A 1269 -26.39 2.90 -42.62
N CYS A 1270 -25.45 3.69 -43.13
CA CYS A 1270 -24.08 3.59 -42.65
C CYS A 1270 -23.35 4.89 -42.91
N ILE A 1271 -22.38 5.18 -42.05
CA ILE A 1271 -21.48 6.32 -42.21
C ILE A 1271 -20.07 5.78 -42.26
N VAL A 1272 -19.51 5.65 -43.46
CA VAL A 1272 -18.23 5.01 -43.69
C VAL A 1272 -17.19 6.08 -43.94
N ILE A 1273 -16.06 5.98 -43.23
CA ILE A 1273 -14.91 6.84 -43.43
C ILE A 1273 -13.87 6.04 -44.19
N ALA A 1274 -13.49 6.52 -45.37
CA ALA A 1274 -12.56 5.78 -46.23
C ALA A 1274 -11.61 6.76 -46.89
N HIS A 1275 -10.41 6.91 -46.32
CA HIS A 1275 -9.36 7.66 -46.97
C HIS A 1275 -8.96 6.99 -48.28
N ARG A 1276 -8.89 5.65 -48.28
CA ARG A 1276 -8.64 4.90 -49.50
C ARG A 1276 -9.78 5.06 -50.48
N LEU A 1277 -9.46 4.94 -51.77
CA LEU A 1277 -10.45 5.05 -52.84
C LEU A 1277 -11.10 3.73 -53.18
N SER A 1278 -10.97 2.72 -52.31
CA SER A 1278 -11.58 1.42 -52.57
C SER A 1278 -13.09 1.51 -52.60
N THR A 1279 -13.68 2.27 -51.68
CA THR A 1279 -15.12 2.41 -51.63
C THR A 1279 -15.64 3.10 -52.88
N ILE A 1280 -16.80 2.65 -53.37
CA ILE A 1280 -17.39 3.23 -54.57
C ILE A 1280 -17.83 4.66 -54.29
N GLN A 1281 -17.50 5.56 -55.21
CA GLN A 1281 -17.90 6.95 -55.06
C GLN A 1281 -19.37 7.18 -55.33
N ASN A 1282 -20.09 6.17 -55.81
CA ASN A 1282 -21.53 6.27 -56.02
C ASN A 1282 -22.33 6.01 -54.75
N ALA A 1283 -21.66 5.70 -53.64
CA ALA A 1283 -22.35 5.46 -52.38
C ALA A 1283 -23.08 6.71 -51.90
N ASP A 1284 -22.38 7.85 -51.88
CA ASP A 1284 -22.97 9.12 -51.47
C ASP A 1284 -22.11 10.24 -52.04
N ILE A 1285 -22.39 11.46 -51.61
CA ILE A 1285 -21.73 12.63 -52.15
C ILE A 1285 -20.60 13.06 -51.21
N ILE A 1286 -19.60 13.72 -51.78
CA ILE A 1286 -18.54 14.35 -51.01
C ILE A 1286 -19.04 15.74 -50.61
N ALA A 1287 -19.20 15.95 -49.30
CA ALA A 1287 -19.79 17.19 -48.81
C ALA A 1287 -18.97 17.90 -47.76
N VAL A 1288 -18.11 17.19 -47.04
CA VAL A 1288 -17.42 17.75 -45.88
C VAL A 1288 -16.02 18.22 -46.31
N MET A 1289 -15.73 19.50 -46.06
CA MET A 1289 -14.40 20.06 -46.26
C MET A 1289 -13.62 20.04 -44.94
N ALA A 1290 -12.48 20.74 -44.92
CA ALA A 1290 -11.62 20.73 -43.73
C ALA A 1290 -12.35 21.29 -42.52
N GLN A 1291 -13.07 22.40 -42.69
CA GLN A 1291 -13.83 22.99 -41.59
C GLN A 1291 -15.07 22.18 -41.23
N GLY A 1292 -15.42 21.18 -42.04
CA GLY A 1292 -16.64 20.42 -41.82
C GLY A 1292 -17.86 20.97 -42.51
N VAL A 1293 -17.73 22.08 -43.24
CA VAL A 1293 -18.87 22.67 -43.92
C VAL A 1293 -19.41 21.69 -44.95
N VAL A 1294 -20.73 21.67 -45.11
CA VAL A 1294 -21.41 20.82 -46.07
C VAL A 1294 -22.03 21.73 -47.13
N ILE A 1295 -21.53 21.63 -48.36
CA ILE A 1295 -22.01 22.46 -49.46
C ILE A 1295 -22.43 21.58 -50.63
N GLU A 1296 -21.53 20.71 -51.07
CA GLU A 1296 -21.78 19.92 -52.27
C GLU A 1296 -22.87 18.90 -52.02
N LYS A 1297 -23.86 18.87 -52.91
CA LYS A 1297 -24.99 17.95 -52.79
C LYS A 1297 -25.38 17.26 -54.09
N GLY A 1298 -24.88 17.71 -55.24
CA GLY A 1298 -25.28 17.11 -56.50
C GLY A 1298 -24.79 15.68 -56.66
N THR A 1299 -25.54 14.90 -57.43
CA THR A 1299 -25.27 13.48 -57.60
C THR A 1299 -24.21 13.30 -58.69
N HIS A 1300 -22.95 13.35 -58.28
CA HIS A 1300 -21.81 13.04 -59.15
C HIS A 1300 -21.71 13.99 -60.34
N GLU A 1301 -22.27 15.19 -60.22
CA GLU A 1301 -22.12 16.21 -61.24
C GLU A 1301 -21.67 17.57 -60.72
N GLU A 1302 -21.88 17.86 -59.43
CA GLU A 1302 -21.32 19.07 -58.82
C GLU A 1302 -19.91 18.86 -58.32
N LEU A 1303 -19.41 17.63 -58.29
CA LEU A 1303 -18.02 17.36 -57.94
C LEU A 1303 -17.05 17.70 -59.07
N MET A 1304 -17.56 18.02 -60.25
CA MET A 1304 -16.72 18.44 -61.37
C MET A 1304 -16.48 19.95 -61.33
N ALA A 1305 -17.52 20.75 -61.09
CA ALA A 1305 -17.35 22.19 -61.01
C ALA A 1305 -16.66 22.60 -59.72
N GLN A 1306 -16.93 21.88 -58.62
CA GLN A 1306 -16.36 22.18 -57.32
C GLN A 1306 -15.36 21.11 -56.94
N LYS A 1307 -14.31 21.52 -56.23
CA LYS A 1307 -13.26 20.60 -55.84
C LYS A 1307 -13.79 19.61 -54.81
N GLY A 1308 -13.78 18.33 -55.16
CA GLY A 1308 -14.27 17.30 -54.28
C GLY A 1308 -13.18 16.35 -53.81
N ALA A 1309 -13.44 15.05 -53.88
CA ALA A 1309 -12.44 14.06 -53.47
C ALA A 1309 -11.44 13.80 -54.59
N TYR A 1310 -11.92 13.31 -55.73
CA TYR A 1310 -11.01 13.03 -56.84
C TYR A 1310 -10.59 14.29 -57.57
N TYR A 1311 -11.48 15.29 -57.67
CA TYR A 1311 -11.15 16.51 -58.40
C TYR A 1311 -10.08 17.33 -57.70
N LYS A 1312 -9.98 17.24 -56.37
CA LYS A 1312 -8.94 17.97 -55.66
C LYS A 1312 -7.57 17.33 -55.81
N LEU A 1313 -7.50 16.00 -55.85
CA LEU A 1313 -6.24 15.28 -55.94
C LEU A 1313 -5.62 15.35 -57.33
N VAL A 1314 -6.44 15.46 -58.39
CA VAL A 1314 -5.91 15.45 -59.75
C VAL A 1314 -5.28 16.78 -60.15
N THR A 1315 -5.27 17.77 -59.27
CA THR A 1315 -4.67 19.05 -59.58
C THR A 1315 -3.49 19.34 -58.65
#